data_1VOM
#
_entry.id   1VOM
#
_cell.length_a   84.500
_cell.length_b   145.400
_cell.length_c   153.800
_cell.angle_alpha   90.00
_cell.angle_beta   90.00
_cell.angle_gamma   90.00
#
_symmetry.space_group_name_H-M   'P 21 21 2'
#
loop_
_entity.id
_entity.type
_entity.pdbx_description
1 polymer MYOSIN
2 non-polymer 'MAGNESIUM ION'
3 non-polymer 'VANADATE ION'
4 non-polymer "ADENOSINE-5'-DIPHOSPHATE"
5 water water
#
_entity_poly.entity_id   1
_entity_poly.type   'polypeptide(L)'
_entity_poly.pdbx_seq_one_letter_code
;MNPIHDRTSDYHKYLKVKQGDSDLFKLTVSDKRYIWYNPDPDERDSYECGEIVSETSDSFTFKTVDGQDRQVKKDDANQR
NPIKFDGVEDMSELSYLNEPAVFHNLRVRYNQDLIYTYSGLFLVAVNPFKRIPIYTQEMVDIFKGRRRNEVAPHIFAISD
VAYRSMLDDRQNQSLLITGESGAGKTENTKKVIQYLASVAGRNQANGSGVLEQQILQANPILEAFGNAKTTRNNNSSRFG
KFIEIQFNNAGFISGASIQSYLLEKSRVVFQSETERNYHIFYQLLAGATAEEKKALHLAGPESFNYLNQSGCVDIKGVSD
EDEFKITRQAMDIVGFSQEEQMSIFKIIAGILHLGNIKFEKGAGEGAVLKDKTALNAASTVFGVNPSVLEKALMEPRILA
GRDLVAQHLNVEKSSSSRDALVKALYGRLFLWLVKKINNVLCSERAAYFIGVLDISGFEIFKVNSFEQLCINYTNEKLQQ
FFNHHMFKVEQEEYLKEKINWTFIDFGLDSQATIDLIDGRQPPGILALLDEQSVFPNATDNTLITKLHSHFSKKNAKYEE
PRFSKTEFGVTHYAGQVMYEIQDWLEKNKDPLQQDLELCFKDSSDNVVTKLFNDPNIASRAKKGANFITVAAQYKEQLAS
LMATLETTNPHFVRCIIPNNKQLPAKLEDKVVLDQLRCNGVLEGIRITRKGFPNRIIYADFVKRYYLLAPNVPRDAEDSQ
KATDAVLKHLNIDPEQYRFGITKIFFRAGQLARIEEARELPN
;
_entity_poly.pdbx_strand_id   A
#
loop_
_chem_comp.id
_chem_comp.type
_chem_comp.name
_chem_comp.formula
ADP non-polymer ADENOSINE-5'-DIPHOSPHATE 'C10 H15 N5 O10 P2'
MG non-polymer 'MAGNESIUM ION' 'Mg 2'
VO4 non-polymer 'VANADATE ION' 'O4 V -3'
#
# COMPACT_ATOMS: atom_id res chain seq x y z
N ASN A 2 -9.29 36.32 -1.94
CA ASN A 2 -9.27 34.95 -2.43
C ASN A 2 -7.89 34.51 -2.87
N PRO A 3 -7.24 33.75 -1.96
CA PRO A 3 -5.91 33.18 -2.09
C PRO A 3 -5.77 32.44 -3.38
N ILE A 4 -6.89 31.90 -3.82
CA ILE A 4 -6.85 31.19 -5.07
C ILE A 4 -6.50 32.18 -6.19
N HIS A 5 -6.95 33.41 -6.02
CA HIS A 5 -6.73 34.47 -7.00
C HIS A 5 -5.56 35.38 -6.73
N ASP A 6 -5.12 35.30 -5.52
CA ASP A 6 -4.03 36.11 -5.10
C ASP A 6 -2.65 35.50 -5.36
N ARG A 7 -2.00 35.98 -6.42
CA ARG A 7 -0.71 35.45 -6.72
C ARG A 7 0.28 35.58 -5.61
N THR A 8 -0.08 36.27 -4.54
CA THR A 8 0.88 36.37 -3.45
C THR A 8 0.64 35.32 -2.35
N SER A 9 -0.46 34.55 -2.48
CA SER A 9 -0.80 33.55 -1.44
C SER A 9 0.15 32.35 -1.41
N ASP A 10 0.16 31.64 -0.27
CA ASP A 10 0.99 30.45 -0.12
C ASP A 10 0.42 29.41 -1.10
N TYR A 11 -0.91 29.50 -1.30
CA TYR A 11 -1.57 28.61 -2.24
C TYR A 11 -0.93 28.79 -3.58
N HIS A 12 -0.84 30.04 -4.00
CA HIS A 12 -0.25 30.29 -5.27
C HIS A 12 1.20 29.90 -5.24
N LYS A 13 1.83 30.29 -4.16
CA LYS A 13 3.23 30.00 -4.12
C LYS A 13 3.60 28.51 -4.19
N TYR A 14 2.93 27.65 -3.41
CA TYR A 14 3.18 26.21 -3.30
C TYR A 14 2.39 25.24 -4.16
N LEU A 15 1.27 25.69 -4.71
CA LEU A 15 0.43 24.80 -5.50
C LEU A 15 0.26 25.22 -6.92
N LYS A 16 0.76 26.39 -7.32
CA LYS A 16 0.54 26.84 -8.70
C LYS A 16 1.85 27.00 -9.41
N VAL A 17 1.74 26.84 -10.75
CA VAL A 17 2.91 26.95 -11.60
C VAL A 17 3.41 28.41 -11.57
N LYS A 18 4.71 28.63 -11.41
CA LYS A 18 5.25 29.98 -11.34
C LYS A 18 5.06 30.73 -12.66
N GLN A 19 4.76 32.04 -12.56
CA GLN A 19 4.55 32.88 -13.72
C GLN A 19 5.75 32.82 -14.64
N GLY A 20 5.55 32.49 -15.91
CA GLY A 20 6.78 32.45 -16.70
C GLY A 20 7.16 33.88 -17.12
N ASP A 21 8.42 34.06 -17.49
CA ASP A 21 8.98 35.34 -17.93
C ASP A 21 8.86 35.77 -19.43
N SER A 22 9.33 37.01 -19.72
CA SER A 22 9.37 37.67 -21.02
C SER A 22 9.94 36.70 -22.07
N ASP A 23 11.08 36.16 -21.67
CA ASP A 23 11.80 35.23 -22.52
C ASP A 23 11.00 33.97 -22.77
N LEU A 24 10.51 33.45 -21.65
CA LEU A 24 9.72 32.25 -21.74
C LEU A 24 8.58 32.56 -22.66
N PHE A 25 7.99 33.74 -22.46
CA PHE A 25 6.90 34.12 -23.33
C PHE A 25 7.32 33.98 -24.76
N LYS A 26 8.54 34.44 -24.97
CA LYS A 26 9.07 34.35 -26.32
C LYS A 26 9.20 32.94 -26.82
N LEU A 27 9.66 32.06 -25.96
CA LEU A 27 9.79 30.71 -26.50
C LEU A 27 8.44 30.06 -26.69
N THR A 28 7.49 30.51 -25.87
CA THR A 28 6.16 29.97 -25.89
C THR A 28 5.46 30.34 -27.14
N VAL A 29 5.84 31.43 -27.77
CA VAL A 29 5.13 31.79 -28.99
C VAL A 29 5.88 31.36 -30.25
N SER A 30 7.02 30.74 -30.09
CA SER A 30 7.80 30.27 -31.22
C SER A 30 7.00 29.35 -32.14
N ASP A 31 7.40 29.29 -33.39
CA ASP A 31 6.74 28.45 -34.36
C ASP A 31 7.55 27.16 -34.60
N LYS A 32 8.62 27.04 -33.80
CA LYS A 32 9.48 25.88 -33.90
C LYS A 32 8.73 24.67 -33.37
N ARG A 33 9.10 23.51 -33.87
CA ARG A 33 8.52 22.29 -33.44
C ARG A 33 9.61 21.34 -33.00
N TYR A 34 9.30 20.60 -31.93
CA TYR A 34 10.22 19.66 -31.31
C TYR A 34 9.73 18.23 -31.11
N ILE A 35 10.73 17.40 -30.91
CA ILE A 35 10.45 16.00 -30.68
C ILE A 35 11.26 15.49 -29.51
N TRP A 36 10.76 14.44 -28.84
CA TRP A 36 11.53 13.87 -27.73
C TRP A 36 12.28 12.69 -28.31
N TYR A 37 13.60 12.61 -28.13
CA TYR A 37 14.27 11.49 -28.75
C TYR A 37 15.32 10.88 -27.81
N ASN A 38 15.78 9.66 -28.14
CA ASN A 38 16.81 8.90 -27.42
C ASN A 38 18.16 8.99 -28.09
N PRO A 39 19.00 9.78 -27.45
CA PRO A 39 20.33 9.99 -27.90
C PRO A 39 21.01 8.64 -27.99
N ASP A 40 20.62 7.74 -27.10
CA ASP A 40 21.11 6.38 -27.01
C ASP A 40 19.86 5.53 -27.02
N PRO A 41 19.69 4.79 -28.11
CA PRO A 41 18.54 3.94 -28.34
C PRO A 41 18.49 2.71 -27.44
N ASP A 42 19.57 2.53 -26.68
CA ASP A 42 19.64 1.42 -25.76
C ASP A 42 18.86 1.81 -24.53
N GLU A 43 19.03 3.09 -24.23
CA GLU A 43 18.40 3.76 -23.12
C GLU A 43 17.18 4.54 -23.62
N ARG A 44 16.11 3.76 -23.82
CA ARG A 44 14.85 4.23 -24.31
C ARG A 44 14.08 5.15 -23.40
N ASP A 45 14.57 5.28 -22.15
CA ASP A 45 13.91 6.14 -21.18
C ASP A 45 14.63 7.48 -20.99
N SER A 46 15.78 7.63 -21.62
CA SER A 46 16.59 8.85 -21.56
C SER A 46 16.41 9.56 -22.88
N TYR A 47 15.65 10.65 -22.77
CA TYR A 47 15.33 11.43 -23.93
C TYR A 47 15.93 12.79 -23.93
N GLU A 48 16.00 13.34 -25.15
CA GLU A 48 16.47 14.68 -25.36
C GLU A 48 15.44 15.35 -26.23
N CYS A 49 15.57 16.64 -26.30
CA CYS A 49 14.70 17.46 -27.10
C CYS A 49 15.49 17.84 -28.37
N GLY A 50 14.82 17.63 -29.48
CA GLY A 50 15.41 17.96 -30.75
C GLY A 50 14.42 18.76 -31.60
N GLU A 51 14.99 19.69 -32.38
CA GLU A 51 14.15 20.50 -33.24
C GLU A 51 13.82 19.83 -34.56
N ILE A 52 12.52 19.80 -34.87
CA ILE A 52 12.11 19.22 -36.12
C ILE A 52 12.47 20.25 -37.19
N VAL A 53 13.37 19.89 -38.11
CA VAL A 53 13.87 20.75 -39.17
C VAL A 53 13.25 20.52 -40.54
N SER A 54 12.88 19.31 -40.82
CA SER A 54 12.23 19.01 -42.08
C SER A 54 11.23 17.89 -41.90
N GLU A 55 10.40 17.69 -42.92
CA GLU A 55 9.44 16.63 -42.86
C GLU A 55 9.04 16.17 -44.22
N THR A 56 8.60 14.91 -44.30
CA THR A 56 8.12 14.28 -45.52
C THR A 56 6.74 13.80 -45.16
N SER A 57 6.05 13.16 -46.08
CA SER A 57 4.72 12.70 -45.72
C SER A 57 4.77 11.69 -44.57
N ASP A 58 5.85 10.99 -44.43
CA ASP A 58 5.87 10.00 -43.37
C ASP A 58 6.99 10.11 -42.34
N SER A 59 7.81 11.14 -42.46
CA SER A 59 8.90 11.28 -41.53
C SER A 59 9.16 12.70 -41.11
N PHE A 60 10.00 12.80 -40.09
CA PHE A 60 10.45 14.03 -39.48
C PHE A 60 11.93 13.94 -39.46
N THR A 61 12.59 15.04 -39.74
CA THR A 61 14.03 15.05 -39.66
C THR A 61 14.29 16.04 -38.53
N PHE A 62 15.17 15.72 -37.59
CA PHE A 62 15.40 16.61 -36.46
C PHE A 62 16.85 16.75 -36.10
N LYS A 63 17.13 17.82 -35.41
CA LYS A 63 18.50 18.02 -35.05
C LYS A 63 18.68 17.38 -33.68
N THR A 64 19.84 16.82 -33.40
CA THR A 64 20.08 16.24 -32.09
C THR A 64 20.84 17.26 -31.27
N VAL A 65 20.99 16.96 -29.99
CA VAL A 65 21.65 17.85 -29.06
C VAL A 65 22.96 18.35 -29.61
N ASP A 66 23.84 17.39 -29.76
CA ASP A 66 25.15 17.68 -30.29
C ASP A 66 25.01 18.55 -31.57
N GLY A 67 23.84 18.46 -32.23
CA GLY A 67 23.57 19.20 -33.44
C GLY A 67 23.30 18.31 -34.67
N GLN A 68 23.82 17.08 -34.69
CA GLN A 68 23.61 16.14 -35.80
C GLN A 68 22.13 16.04 -36.19
N ASP A 69 21.85 15.34 -37.27
CA ASP A 69 20.49 15.26 -37.69
C ASP A 69 20.03 13.82 -37.75
N ARG A 70 18.77 13.60 -37.39
CA ARG A 70 18.13 12.29 -37.39
C ARG A 70 16.75 12.32 -38.04
N GLN A 71 16.40 11.14 -38.53
CA GLN A 71 15.15 10.90 -39.20
C GLN A 71 14.33 9.82 -38.49
N VAL A 72 13.00 9.98 -38.48
CA VAL A 72 12.06 9.08 -37.82
C VAL A 72 10.72 9.06 -38.49
N LYS A 73 10.10 7.88 -38.45
CA LYS A 73 8.81 7.78 -39.05
C LYS A 73 7.91 8.63 -38.21
N LYS A 74 6.99 9.29 -38.90
CA LYS A 74 6.09 10.08 -38.12
C LYS A 74 5.41 9.19 -37.11
N ASP A 75 5.32 7.95 -37.51
CA ASP A 75 4.67 6.99 -36.68
C ASP A 75 5.29 6.66 -35.37
N ASP A 76 6.59 6.69 -35.39
CA ASP A 76 7.23 6.38 -34.16
C ASP A 76 7.70 7.60 -33.49
N ALA A 77 7.18 8.73 -33.93
CA ALA A 77 7.64 9.94 -33.30
C ALA A 77 6.93 10.34 -32.02
N ASN A 78 7.77 10.70 -31.06
CA ASN A 78 7.29 11.20 -29.78
C ASN A 78 7.43 12.74 -29.79
N GLN A 79 6.44 13.40 -30.39
CA GLN A 79 6.43 14.86 -30.49
C GLN A 79 6.37 15.54 -29.16
N ARG A 80 7.10 16.65 -29.04
CA ARG A 80 7.10 17.41 -27.80
C ARG A 80 5.90 18.33 -27.79
N ASN A 81 5.18 18.39 -26.72
CA ASN A 81 4.06 19.27 -26.77
C ASN A 81 4.50 20.74 -26.79
N PRO A 82 3.63 21.59 -27.28
CA PRO A 82 3.92 23.01 -27.25
C PRO A 82 4.10 23.38 -25.77
N ILE A 83 5.18 24.15 -25.53
CA ILE A 83 5.54 24.60 -24.23
C ILE A 83 4.50 25.22 -23.35
N LYS A 84 3.46 25.73 -23.97
CA LYS A 84 2.50 26.31 -23.08
C LYS A 84 1.89 25.18 -22.27
N PHE A 85 2.12 23.92 -22.65
CA PHE A 85 1.57 22.79 -21.89
C PHE A 85 2.45 22.40 -20.73
N ASP A 86 3.68 22.84 -20.76
CA ASP A 86 4.56 22.52 -19.68
C ASP A 86 4.04 22.93 -18.31
N GLY A 87 3.79 21.96 -17.41
CA GLY A 87 3.31 22.13 -16.04
C GLY A 87 1.80 22.08 -15.92
N VAL A 88 1.10 21.67 -17.00
CA VAL A 88 -0.36 21.59 -17.03
C VAL A 88 -0.84 20.74 -15.86
N GLU A 89 -1.94 21.17 -15.27
CA GLU A 89 -2.55 20.51 -14.09
C GLU A 89 -3.22 19.16 -14.35
N ASP A 90 -3.80 19.00 -15.56
CA ASP A 90 -4.49 17.81 -16.07
C ASP A 90 -3.84 17.36 -17.35
N MET A 91 -3.12 16.24 -17.29
CA MET A 91 -2.43 15.80 -18.47
C MET A 91 -3.27 15.35 -19.59
N SER A 92 -4.55 15.25 -19.29
CA SER A 92 -5.40 14.85 -20.38
C SER A 92 -5.51 16.02 -21.35
N GLU A 93 -5.03 17.22 -20.99
CA GLU A 93 -5.11 18.32 -21.94
C GLU A 93 -4.02 18.29 -22.98
N LEU A 94 -2.95 17.56 -22.70
CA LEU A 94 -1.83 17.46 -23.62
C LEU A 94 -2.23 17.17 -25.06
N SER A 95 -1.55 17.76 -26.05
CA SER A 95 -1.97 17.43 -27.40
C SER A 95 -1.33 16.09 -27.79
N TYR A 96 -0.07 15.92 -27.38
CA TYR A 96 0.70 14.72 -27.63
C TYR A 96 0.80 13.89 -26.35
N LEU A 97 0.12 12.75 -26.38
CA LEU A 97 0.12 11.81 -25.25
C LEU A 97 1.20 10.73 -25.52
N ASN A 98 2.39 10.90 -24.97
CA ASN A 98 3.46 9.93 -25.19
C ASN A 98 4.27 9.89 -23.91
N GLU A 99 5.14 8.90 -23.79
CA GLU A 99 5.90 8.71 -22.59
C GLU A 99 6.71 9.89 -22.13
N PRO A 100 7.67 10.27 -22.97
CA PRO A 100 8.54 11.39 -22.67
C PRO A 100 7.72 12.68 -22.39
N ALA A 101 6.59 12.87 -23.10
CA ALA A 101 5.78 14.07 -22.86
C ALA A 101 5.15 14.03 -21.48
N VAL A 102 4.67 12.84 -21.10
CA VAL A 102 4.04 12.72 -19.81
C VAL A 102 5.07 12.91 -18.72
N PHE A 103 6.23 12.27 -18.89
CA PHE A 103 7.26 12.39 -17.90
C PHE A 103 7.68 13.86 -17.80
N HIS A 104 7.83 14.46 -18.98
CA HIS A 104 8.24 15.87 -19.03
C HIS A 104 7.32 16.78 -18.18
N ASN A 105 6.01 16.68 -18.44
CA ASN A 105 5.08 17.48 -17.67
C ASN A 105 5.24 17.23 -16.18
N LEU A 106 5.46 15.97 -15.77
CA LEU A 106 5.58 15.69 -14.34
C LEU A 106 6.91 16.26 -13.83
N ARG A 107 7.92 16.18 -14.72
CA ARG A 107 9.25 16.72 -14.38
C ARG A 107 9.19 18.26 -14.10
N VAL A 108 8.49 18.98 -15.00
CA VAL A 108 8.30 20.41 -14.91
C VAL A 108 7.68 20.72 -13.60
N ARG A 109 6.55 20.09 -13.34
CA ARG A 109 5.87 20.33 -12.07
C ARG A 109 6.71 19.99 -10.84
N TYR A 110 7.39 18.83 -10.87
CA TYR A 110 8.22 18.35 -9.78
C TYR A 110 9.34 19.32 -9.44
N ASN A 111 9.98 19.79 -10.53
CA ASN A 111 11.07 20.75 -10.40
C ASN A 111 10.66 22.00 -9.60
N GLN A 112 9.38 22.34 -9.52
CA GLN A 112 8.92 23.46 -8.74
C GLN A 112 8.14 22.97 -7.56
N ASP A 113 8.41 21.76 -7.07
CA ASP A 113 7.67 21.26 -5.93
C ASP A 113 6.17 21.05 -6.05
N LEU A 114 5.71 20.82 -7.29
CA LEU A 114 4.33 20.54 -7.53
C LEU A 114 4.29 18.99 -7.75
N ILE A 115 3.98 18.25 -6.67
CA ILE A 115 3.97 16.79 -6.63
C ILE A 115 2.68 16.16 -7.09
N TYR A 116 1.64 16.98 -7.07
CA TYR A 116 0.38 16.46 -7.53
C TYR A 116 0.03 16.90 -8.93
N THR A 117 -0.44 15.99 -9.75
CA THR A 117 -0.85 16.27 -11.14
C THR A 117 -1.98 15.32 -11.53
N TYR A 118 -3.06 15.82 -12.12
CA TYR A 118 -4.16 15.03 -12.57
C TYR A 118 -3.78 14.33 -13.85
N SER A 119 -4.33 13.15 -13.99
CA SER A 119 -4.06 12.38 -15.18
C SER A 119 -5.41 11.99 -15.61
N GLY A 120 -6.15 12.97 -16.00
CA GLY A 120 -7.45 12.56 -16.36
C GLY A 120 -8.20 12.45 -15.06
N LEU A 121 -8.92 11.34 -14.91
CA LEU A 121 -9.75 11.13 -13.72
C LEU A 121 -9.10 10.78 -12.38
N PHE A 122 -7.83 10.41 -12.38
CA PHE A 122 -7.14 10.06 -11.15
C PHE A 122 -5.96 10.98 -10.91
N LEU A 123 -5.48 10.93 -9.69
CA LEU A 123 -4.37 11.76 -9.29
C LEU A 123 -3.05 11.05 -9.32
N VAL A 124 -1.98 11.73 -9.73
CA VAL A 124 -0.63 11.23 -9.75
C VAL A 124 0.07 12.01 -8.66
N ALA A 125 0.83 11.32 -7.82
CA ALA A 125 1.55 11.95 -6.73
C ALA A 125 2.99 11.52 -6.74
N VAL A 126 3.96 12.42 -7.00
CA VAL A 126 5.36 12.05 -7.07
C VAL A 126 5.97 12.36 -5.75
N ASN A 127 6.54 11.40 -5.08
CA ASN A 127 7.07 11.68 -3.76
C ASN A 127 8.20 12.74 -3.83
N PRO A 128 8.07 13.77 -2.98
CA PRO A 128 9.05 14.84 -2.90
C PRO A 128 10.27 14.49 -2.09
N PHE A 129 10.09 13.61 -1.13
CA PHE A 129 11.21 13.26 -0.29
C PHE A 129 11.66 14.48 0.47
N LYS A 130 10.73 15.40 0.74
CA LYS A 130 11.03 16.57 1.54
C LYS A 130 9.72 17.19 1.89
N ARG A 131 9.70 18.00 2.94
CA ARG A 131 8.48 18.64 3.33
C ARG A 131 8.19 19.82 2.46
N ILE A 132 6.92 19.93 2.13
CA ILE A 132 6.30 20.97 1.33
C ILE A 132 5.11 21.41 2.16
N PRO A 133 5.04 22.69 2.48
CA PRO A 133 4.00 23.23 3.30
C PRO A 133 2.67 23.38 2.63
N ILE A 134 2.13 22.25 2.19
CA ILE A 134 0.85 22.32 1.51
C ILE A 134 -0.25 21.57 2.23
N TYR A 135 0.04 21.28 3.48
CA TYR A 135 -0.96 20.55 4.18
C TYR A 135 -1.40 21.23 5.41
N THR A 136 -1.26 22.54 5.46
CA THR A 136 -1.70 23.22 6.65
C THR A 136 -3.21 23.37 6.63
N GLN A 137 -3.74 23.84 7.80
CA GLN A 137 -5.17 24.06 7.94
C GLN A 137 -5.68 25.06 6.91
N GLU A 138 -4.79 26.03 6.68
CA GLU A 138 -5.15 27.00 5.70
C GLU A 138 -5.30 26.30 4.38
N MET A 139 -4.37 25.39 4.09
CA MET A 139 -4.44 24.67 2.83
C MET A 139 -5.72 23.86 2.74
N VAL A 140 -6.00 23.20 3.86
CA VAL A 140 -7.22 22.42 3.91
C VAL A 140 -8.43 23.30 3.60
N ASP A 141 -8.49 24.44 4.32
CA ASP A 141 -9.58 25.41 4.19
C ASP A 141 -9.84 25.84 2.76
N ILE A 142 -8.79 25.98 1.99
CA ILE A 142 -8.97 26.37 0.61
C ILE A 142 -9.70 25.34 -0.22
N PHE A 143 -9.36 24.06 0.01
CA PHE A 143 -10.00 23.00 -0.79
C PHE A 143 -11.45 22.77 -0.56
N LYS A 144 -11.82 23.20 0.64
CA LYS A 144 -13.16 23.08 1.15
C LYS A 144 -14.29 23.36 0.20
N GLY A 145 -14.89 22.29 -0.32
CA GLY A 145 -16.01 22.38 -1.23
C GLY A 145 -15.72 22.81 -2.67
N ARG A 146 -14.47 23.11 -3.00
CA ARG A 146 -14.17 23.52 -4.36
C ARG A 146 -14.18 22.37 -5.36
N ARG A 147 -14.68 22.69 -6.55
CA ARG A 147 -14.73 21.77 -7.68
C ARG A 147 -13.29 21.47 -8.07
N ARG A 148 -13.01 20.24 -8.50
CA ARG A 148 -11.66 19.83 -8.86
C ARG A 148 -10.98 20.85 -9.77
N ASN A 149 -11.81 21.36 -10.68
CA ASN A 149 -11.46 22.35 -11.70
C ASN A 149 -11.13 23.72 -11.14
N GLU A 150 -11.78 24.12 -10.07
CA GLU A 150 -11.46 25.42 -9.52
C GLU A 150 -10.14 25.46 -8.77
N VAL A 151 -9.61 24.33 -8.32
CA VAL A 151 -8.39 24.32 -7.52
C VAL A 151 -7.31 23.48 -8.17
N ALA A 152 -6.10 23.67 -7.67
CA ALA A 152 -4.99 22.94 -8.20
C ALA A 152 -5.04 21.46 -7.78
N PRO A 153 -4.28 20.63 -8.47
CA PRO A 153 -4.27 19.24 -8.06
C PRO A 153 -3.74 19.09 -6.65
N HIS A 154 -4.44 18.27 -5.86
CA HIS A 154 -4.00 18.04 -4.48
C HIS A 154 -4.67 16.76 -3.95
N ILE A 155 -4.01 16.10 -3.00
CA ILE A 155 -4.64 14.92 -2.40
C ILE A 155 -5.93 15.43 -1.74
N PHE A 156 -5.91 16.66 -1.18
CA PHE A 156 -7.10 17.22 -0.53
C PHE A 156 -8.24 17.38 -1.47
N ALA A 157 -7.89 17.70 -2.69
CA ALA A 157 -8.96 17.88 -3.64
C ALA A 157 -9.65 16.58 -4.04
N ILE A 158 -8.86 15.49 -4.21
CA ILE A 158 -9.43 14.21 -4.59
C ILE A 158 -10.29 13.75 -3.40
N SER A 159 -9.85 14.06 -2.20
CA SER A 159 -10.58 13.71 -0.99
C SER A 159 -11.94 14.41 -0.92
N ASP A 160 -11.95 15.70 -1.28
CA ASP A 160 -13.17 16.52 -1.30
C ASP A 160 -14.21 15.99 -2.31
N VAL A 161 -13.68 15.60 -3.47
CA VAL A 161 -14.52 15.09 -4.51
C VAL A 161 -15.18 13.82 -4.01
N ALA A 162 -14.39 12.93 -3.41
CA ALA A 162 -14.97 11.68 -2.92
C ALA A 162 -16.04 12.03 -1.91
N TYR A 163 -15.70 12.94 -1.04
CA TYR A 163 -16.66 13.35 -0.06
C TYR A 163 -17.92 13.93 -0.69
N ARG A 164 -17.77 14.74 -1.75
CA ARG A 164 -18.96 15.30 -2.37
C ARG A 164 -19.77 14.21 -3.06
N SER A 165 -19.05 13.31 -3.71
CA SER A 165 -19.75 12.26 -4.40
C SER A 165 -20.52 11.40 -3.40
N MET A 166 -20.00 11.24 -2.20
CA MET A 166 -20.67 10.44 -1.20
C MET A 166 -22.02 11.03 -0.86
N LEU A 167 -21.96 12.32 -0.57
CA LEU A 167 -23.16 13.05 -0.24
C LEU A 167 -24.05 13.24 -1.45
N ASP A 168 -23.48 13.62 -2.60
CA ASP A 168 -24.31 13.79 -3.79
C ASP A 168 -25.06 12.55 -4.27
N ASP A 169 -24.32 11.45 -4.38
CA ASP A 169 -24.84 10.19 -4.84
C ASP A 169 -25.34 9.25 -3.77
N ARG A 170 -25.03 9.54 -2.52
CA ARG A 170 -25.43 8.76 -1.38
C ARG A 170 -24.91 7.34 -1.60
N GLN A 171 -23.64 7.29 -2.01
CA GLN A 171 -22.94 6.05 -2.32
C GLN A 171 -21.65 6.00 -1.55
N ASN A 172 -21.13 4.80 -1.26
CA ASN A 172 -19.86 4.75 -0.56
C ASN A 172 -18.71 4.94 -1.52
N GLN A 173 -17.61 5.44 -0.98
CA GLN A 173 -16.46 5.73 -1.83
C GLN A 173 -15.20 5.11 -1.29
N SER A 174 -14.25 5.04 -2.21
CA SER A 174 -12.96 4.56 -1.79
C SER A 174 -11.85 5.38 -2.43
N LEU A 175 -10.76 5.46 -1.69
CA LEU A 175 -9.55 6.13 -2.12
C LEU A 175 -8.52 5.08 -2.11
N LEU A 176 -8.21 4.73 -3.35
CA LEU A 176 -7.26 3.70 -3.59
C LEU A 176 -5.94 4.31 -3.94
N ILE A 177 -5.00 4.21 -3.02
CA ILE A 177 -3.70 4.80 -3.29
C ILE A 177 -2.69 3.77 -3.62
N THR A 178 -2.25 3.76 -4.85
CA THR A 178 -1.27 2.78 -5.24
C THR A 178 0.17 3.27 -5.22
N GLY A 179 1.06 2.32 -5.35
CA GLY A 179 2.48 2.57 -5.40
C GLY A 179 3.38 1.48 -4.87
N GLU A 180 4.60 1.50 -5.39
CA GLU A 180 5.61 0.60 -4.93
C GLU A 180 6.06 1.07 -3.56
N SER A 181 6.87 0.26 -2.88
CA SER A 181 7.35 0.64 -1.55
C SER A 181 8.12 2.00 -1.58
N GLY A 182 7.75 2.89 -0.65
CA GLY A 182 8.35 4.19 -0.46
C GLY A 182 7.76 5.24 -1.37
N ALA A 183 6.73 4.90 -2.15
CA ALA A 183 6.10 5.85 -3.08
C ALA A 183 5.34 7.02 -2.46
N GLY A 184 4.82 6.89 -1.22
CA GLY A 184 4.11 7.93 -0.50
C GLY A 184 2.70 7.54 -0.23
N LYS A 185 2.35 6.25 -0.31
CA LYS A 185 0.95 5.88 -0.03
C LYS A 185 0.54 6.23 1.38
N THR A 186 1.41 5.84 2.29
CA THR A 186 1.01 6.13 3.65
C THR A 186 0.95 7.64 3.94
N GLU A 187 1.86 8.44 3.38
CA GLU A 187 1.75 9.90 3.67
C GLU A 187 0.45 10.42 3.10
N ASN A 188 0.16 10.03 1.88
CA ASN A 188 -1.08 10.45 1.28
C ASN A 188 -2.28 10.02 2.02
N THR A 189 -2.30 8.77 2.47
CA THR A 189 -3.42 8.26 3.26
C THR A 189 -3.68 9.14 4.48
N LYS A 190 -2.59 9.47 5.16
CA LYS A 190 -2.68 10.30 6.36
C LYS A 190 -3.30 11.66 5.98
N LYS A 191 -2.98 12.16 4.81
CA LYS A 191 -3.52 13.47 4.40
C LYS A 191 -5.00 13.37 4.12
N VAL A 192 -5.37 12.23 3.56
CA VAL A 192 -6.77 11.96 3.24
C VAL A 192 -7.60 11.98 4.51
N ILE A 193 -7.09 11.27 5.53
CA ILE A 193 -7.78 11.22 6.82
C ILE A 193 -7.88 12.64 7.44
N GLN A 194 -6.74 13.33 7.52
CA GLN A 194 -6.68 14.67 8.06
C GLN A 194 -7.77 15.59 7.47
N TYR A 195 -7.87 15.52 6.14
CA TYR A 195 -8.82 16.30 5.40
C TYR A 195 -10.23 15.97 5.73
N LEU A 196 -10.54 14.68 5.67
CA LEU A 196 -11.89 14.25 5.97
C LEU A 196 -12.28 14.64 7.38
N ALA A 197 -11.35 14.39 8.31
CA ALA A 197 -11.60 14.69 9.73
C ALA A 197 -11.89 16.17 9.91
N SER A 198 -11.20 16.95 9.10
CA SER A 198 -11.34 18.38 9.17
C SER A 198 -12.64 18.83 8.53
N VAL A 199 -12.82 18.44 7.30
CA VAL A 199 -14.03 18.90 6.68
C VAL A 199 -15.32 18.28 7.15
N ALA A 200 -15.33 17.14 7.88
CA ALA A 200 -16.63 16.56 8.27
C ALA A 200 -16.73 16.32 9.74
N GLY A 201 -15.71 16.87 10.39
CA GLY A 201 -15.50 16.79 11.82
C GLY A 201 -16.55 17.62 12.52
N ARG A 202 -17.02 17.10 13.62
CA ARG A 202 -18.02 17.86 14.33
C ARG A 202 -17.38 18.85 15.27
N ASN A 203 -17.27 20.06 14.72
CA ASN A 203 -16.68 21.20 15.38
C ASN A 203 -17.60 21.94 16.35
N GLN A 204 -17.01 22.42 17.47
CA GLN A 204 -17.69 23.16 18.52
C GLN A 204 -16.83 23.32 19.77
N GLY A 209 -13.37 17.76 18.69
CA GLY A 209 -12.42 17.04 17.84
C GLY A 209 -11.97 15.71 18.43
N VAL A 210 -12.70 15.22 19.42
CA VAL A 210 -12.34 13.98 20.06
C VAL A 210 -12.35 12.70 19.27
N LEU A 211 -13.50 12.35 18.74
CA LEU A 211 -13.60 11.14 17.94
C LEU A 211 -12.59 11.25 16.86
N GLU A 212 -12.63 12.45 16.32
CA GLU A 212 -11.77 12.87 15.25
C GLU A 212 -10.31 12.83 15.66
N GLN A 213 -9.98 13.32 16.85
CA GLN A 213 -8.55 13.28 17.22
C GLN A 213 -8.08 11.82 17.44
N GLN A 214 -9.01 11.01 17.94
CA GLN A 214 -8.73 9.61 18.19
C GLN A 214 -8.48 8.92 16.88
N ILE A 215 -9.29 9.29 15.91
CA ILE A 215 -9.15 8.75 14.61
C ILE A 215 -7.77 9.06 14.12
N LEU A 216 -7.40 10.26 14.45
CA LEU A 216 -6.10 10.75 14.04
C LEU A 216 -4.98 10.03 14.75
N GLN A 217 -5.13 9.95 16.07
CA GLN A 217 -4.21 9.34 17.02
C GLN A 217 -3.98 7.82 16.84
N ALA A 218 -4.85 7.11 16.14
CA ALA A 218 -4.71 5.69 15.88
C ALA A 218 -3.42 5.43 15.09
N ASN A 219 -3.09 6.40 14.26
CA ASN A 219 -1.95 6.40 13.39
C ASN A 219 -0.53 6.08 13.87
N PRO A 220 -0.05 6.86 14.82
CA PRO A 220 1.26 6.65 15.39
C PRO A 220 1.34 5.34 16.19
N ILE A 221 0.20 4.89 16.70
CA ILE A 221 0.23 3.64 17.45
C ILE A 221 0.52 2.55 16.43
N LEU A 222 -0.32 2.49 15.38
CA LEU A 222 -0.15 1.51 14.33
C LEU A 222 1.18 1.57 13.66
N GLU A 223 1.65 2.79 13.43
CA GLU A 223 2.95 2.82 12.79
C GLU A 223 4.10 2.43 13.72
N ALA A 224 3.98 2.69 15.03
CA ALA A 224 5.14 2.31 15.83
C ALA A 224 5.27 0.79 15.86
N PHE A 225 4.09 0.16 15.84
CA PHE A 225 4.06 -1.30 15.90
C PHE A 225 4.03 -1.97 14.53
N GLY A 226 3.59 -1.28 13.46
CA GLY A 226 3.52 -1.96 12.18
C GLY A 226 4.45 -1.40 11.14
N ASN A 227 5.30 -0.41 11.44
CA ASN A 227 6.23 0.14 10.44
C ASN A 227 7.66 -0.10 10.89
N ALA A 228 8.53 -0.18 9.91
CA ALA A 228 9.93 -0.42 10.13
C ALA A 228 10.74 0.06 8.94
N LYS A 229 11.99 0.21 9.23
CA LYS A 229 12.87 0.59 8.16
C LYS A 229 13.25 -0.61 7.32
N THR A 230 12.97 -0.52 6.02
CA THR A 230 13.39 -1.50 5.03
C THR A 230 14.43 -0.81 4.17
N THR A 231 15.06 -1.56 3.30
CA THR A 231 16.03 -0.98 2.42
C THR A 231 15.34 -0.01 1.45
N ARG A 232 14.02 -0.02 1.30
CA ARG A 232 13.34 0.87 0.37
C ARG A 232 12.56 2.01 0.95
N ASN A 233 12.38 1.94 2.24
CA ASN A 233 11.58 2.91 2.94
C ASN A 233 11.91 2.90 4.41
N ASN A 234 12.38 4.01 4.94
CA ASN A 234 12.72 4.10 6.35
C ASN A 234 11.50 4.02 7.24
N ASN A 235 10.30 4.21 6.69
CA ASN A 235 9.07 4.13 7.44
C ASN A 235 8.10 3.20 6.71
N SER A 236 8.61 2.02 6.33
CA SER A 236 7.81 1.05 5.58
C SER A 236 6.64 0.45 6.35
N SER A 237 5.44 0.46 5.77
CA SER A 237 4.28 -0.13 6.37
C SER A 237 4.50 -1.62 6.17
N ARG A 238 4.60 -2.37 7.26
CA ARG A 238 4.79 -3.82 7.17
C ARG A 238 3.48 -4.62 7.33
N PHE A 239 2.37 -3.93 7.14
CA PHE A 239 0.99 -4.41 7.17
C PHE A 239 0.19 -3.46 6.31
N GLY A 240 -0.92 -3.95 5.82
CA GLY A 240 -1.84 -3.20 5.01
C GLY A 240 -3.04 -2.84 5.85
N LYS A 241 -3.71 -1.76 5.42
CA LYS A 241 -4.88 -1.30 6.15
C LYS A 241 -5.91 -0.74 5.22
N PHE A 242 -7.15 -0.92 5.62
CA PHE A 242 -8.26 -0.40 4.89
C PHE A 242 -8.94 0.36 5.99
N ILE A 243 -8.94 1.68 5.84
CA ILE A 243 -9.56 2.56 6.84
C ILE A 243 -10.89 3.02 6.35
N GLU A 244 -11.85 2.77 7.22
CA GLU A 244 -13.19 3.15 6.86
C GLU A 244 -13.51 4.36 7.65
N ILE A 245 -13.72 5.44 6.93
CA ILE A 245 -14.07 6.66 7.58
C ILE A 245 -15.58 6.65 7.40
N GLN A 246 -16.30 6.68 8.53
CA GLN A 246 -17.76 6.62 8.49
C GLN A 246 -18.47 7.94 8.75
N PHE A 247 -19.59 8.14 8.06
CA PHE A 247 -20.35 9.36 8.17
C PHE A 247 -21.82 9.09 8.31
N ASN A 248 -22.49 10.02 8.95
CA ASN A 248 -23.91 9.88 9.11
C ASN A 248 -24.60 10.43 7.86
N ASN A 249 -25.96 10.45 7.88
CA ASN A 249 -26.86 10.93 6.82
C ASN A 249 -26.40 12.36 6.55
N ALA A 250 -26.22 13.10 7.66
CA ALA A 250 -25.80 14.50 7.66
C ALA A 250 -24.50 14.79 6.89
N GLY A 251 -23.51 13.90 6.97
CA GLY A 251 -22.26 14.08 6.28
C GLY A 251 -21.19 14.29 7.31
N PHE A 252 -21.60 14.13 8.56
CA PHE A 252 -20.58 14.29 9.59
C PHE A 252 -19.95 12.97 9.90
N ILE A 253 -18.73 13.09 10.38
CA ILE A 253 -18.02 11.90 10.73
C ILE A 253 -18.65 11.27 11.95
N SER A 254 -19.14 10.03 11.77
CA SER A 254 -19.81 9.19 12.77
C SER A 254 -18.85 8.18 13.42
N GLY A 255 -17.80 7.77 12.72
CA GLY A 255 -16.86 6.85 13.31
C GLY A 255 -15.81 6.45 12.29
N ALA A 256 -15.12 5.37 12.61
CA ALA A 256 -14.10 4.85 11.73
C ALA A 256 -13.80 3.40 12.11
N SER A 257 -13.19 2.66 11.21
CA SER A 257 -12.85 1.27 11.46
C SER A 257 -11.63 0.89 10.65
N ILE A 258 -10.72 0.16 11.28
CA ILE A 258 -9.54 -0.23 10.57
C ILE A 258 -9.45 -1.74 10.45
N GLN A 259 -9.22 -2.14 9.25
CA GLN A 259 -9.04 -3.53 8.98
C GLN A 259 -7.56 -3.70 8.62
N SER A 260 -6.82 -4.48 9.40
CA SER A 260 -5.42 -4.67 9.05
C SER A 260 -5.19 -5.98 8.29
N TYR A 261 -4.11 -5.99 7.54
CA TYR A 261 -3.75 -7.13 6.78
C TYR A 261 -2.29 -7.43 6.80
N LEU A 262 -2.07 -8.69 6.72
CA LEU A 262 -0.76 -9.21 6.55
C LEU A 262 0.43 -8.59 7.23
N LEU A 263 0.42 -8.53 8.56
CA LEU A 263 1.58 -8.01 9.30
C LEU A 263 2.78 -8.89 9.06
N GLU A 264 3.91 -8.34 8.72
CA GLU A 264 5.09 -9.14 8.49
C GLU A 264 5.74 -9.57 9.83
N LYS A 265 5.11 -10.56 10.48
CA LYS A 265 5.53 -11.09 11.81
C LYS A 265 6.98 -11.54 11.82
N SER A 266 7.47 -12.10 10.71
CA SER A 266 8.82 -12.54 10.72
C SER A 266 9.84 -11.41 10.98
N ARG A 267 9.47 -10.15 10.75
CA ARG A 267 10.43 -9.08 11.00
C ARG A 267 10.83 -9.00 12.46
N VAL A 268 9.94 -9.42 13.37
CA VAL A 268 10.31 -9.37 14.78
C VAL A 268 11.54 -10.18 15.12
N VAL A 269 11.76 -11.28 14.41
CA VAL A 269 12.87 -12.13 14.71
C VAL A 269 13.99 -12.07 13.73
N PHE A 270 13.79 -11.46 12.59
CA PHE A 270 14.84 -11.41 11.62
C PHE A 270 14.75 -10.13 10.77
N GLN A 271 15.91 -9.52 10.47
CA GLN A 271 15.92 -8.32 9.63
C GLN A 271 17.16 -8.37 8.81
N SER A 272 16.98 -8.05 7.52
CA SER A 272 18.12 -8.04 6.61
C SER A 272 19.11 -6.91 6.97
N GLU A 273 20.35 -7.04 6.53
CA GLU A 273 21.34 -6.03 6.84
C GLU A 273 20.87 -4.62 6.50
N THR A 274 21.12 -3.72 7.44
CA THR A 274 20.79 -2.32 7.37
C THR A 274 19.35 -2.02 7.66
N GLU A 275 18.47 -3.00 7.82
CA GLU A 275 17.11 -2.67 8.11
C GLU A 275 16.94 -2.61 9.58
N ARG A 276 15.72 -2.28 9.97
CA ARG A 276 15.35 -2.26 11.39
C ARG A 276 14.15 -3.22 11.69
N ASN A 277 13.97 -3.52 12.97
CA ASN A 277 12.86 -4.27 13.47
C ASN A 277 11.79 -3.18 13.55
N TYR A 278 10.59 -3.48 14.06
CA TYR A 278 9.52 -2.50 14.19
C TYR A 278 10.00 -1.31 15.02
N HIS A 279 9.56 -0.09 14.68
CA HIS A 279 10.02 1.09 15.41
C HIS A 279 9.85 0.98 16.90
N ILE A 280 8.73 0.42 17.32
CA ILE A 280 8.48 0.33 18.74
C ILE A 280 9.60 -0.21 19.58
N PHE A 281 10.31 -1.19 19.07
CA PHE A 281 11.35 -1.72 19.88
C PHE A 281 12.36 -0.64 20.23
N TYR A 282 12.73 0.16 19.22
CA TYR A 282 13.68 1.25 19.40
C TYR A 282 13.12 2.39 20.22
N GLN A 283 11.81 2.68 20.08
CA GLN A 283 11.20 3.72 20.88
C GLN A 283 11.21 3.37 22.35
N LEU A 284 10.91 2.13 22.67
CA LEU A 284 10.89 1.76 24.07
C LEU A 284 12.27 1.87 24.72
N LEU A 285 13.22 1.26 24.06
CA LEU A 285 14.57 1.25 24.59
C LEU A 285 15.13 2.66 24.76
N ALA A 286 14.71 3.52 23.87
CA ALA A 286 15.12 4.90 23.88
C ALA A 286 14.27 5.79 24.78
N GLY A 287 12.98 5.60 24.74
CA GLY A 287 12.13 6.44 25.52
C GLY A 287 11.78 5.95 26.90
N ALA A 288 12.15 4.71 27.22
CA ALA A 288 11.86 4.21 28.55
C ALA A 288 12.65 4.91 29.65
N THR A 289 11.99 5.01 30.81
CA THR A 289 12.52 5.61 32.03
C THR A 289 13.55 4.68 32.60
N ALA A 290 14.41 5.15 33.49
CA ALA A 290 15.34 4.20 34.07
C ALA A 290 14.53 3.29 35.00
N GLU A 291 13.46 3.84 35.57
CA GLU A 291 12.64 3.02 36.43
C GLU A 291 12.02 1.94 35.55
N GLU A 292 11.53 2.34 34.38
CA GLU A 292 10.94 1.40 33.44
C GLU A 292 12.01 0.43 32.93
N LYS A 293 13.16 0.96 32.53
CA LYS A 293 14.21 0.12 32.03
C LYS A 293 14.66 -0.93 33.04
N LYS A 294 14.53 -0.56 34.31
CA LYS A 294 14.93 -1.41 35.41
C LYS A 294 13.96 -2.58 35.58
N ALA A 295 12.70 -2.20 35.74
CA ALA A 295 11.63 -3.14 35.89
C ALA A 295 11.46 -4.05 34.68
N LEU A 296 11.89 -3.61 33.49
CA LEU A 296 11.74 -4.42 32.29
C LEU A 296 13.01 -5.15 31.92
N HIS A 297 14.05 -4.88 32.71
CA HIS A 297 15.36 -5.47 32.50
C HIS A 297 15.92 -5.13 31.14
N LEU A 298 15.64 -3.90 30.72
CA LEU A 298 16.15 -3.49 29.42
C LEU A 298 17.54 -2.87 29.47
N ALA A 299 18.21 -2.89 28.31
CA ALA A 299 19.52 -2.33 28.02
C ALA A 299 19.39 -1.65 26.66
N GLY A 300 20.50 -1.49 25.95
CA GLY A 300 20.35 -0.89 24.64
C GLY A 300 20.07 -1.99 23.61
N PRO A 301 19.60 -1.58 22.44
CA PRO A 301 19.29 -2.49 21.36
C PRO A 301 20.45 -3.41 21.03
N GLU A 302 21.64 -2.93 21.31
CA GLU A 302 22.74 -3.79 20.96
C GLU A 302 22.76 -5.05 21.81
N SER A 303 22.06 -4.98 22.91
CA SER A 303 22.02 -6.10 23.81
C SER A 303 21.01 -7.16 23.44
N PHE A 304 20.32 -6.99 22.33
CA PHE A 304 19.32 -7.96 21.93
C PHE A 304 19.49 -8.48 20.54
N ASN A 305 19.47 -9.79 20.48
CA ASN A 305 19.61 -10.46 19.20
C ASN A 305 18.57 -10.02 18.20
N TYR A 306 17.39 -9.70 18.70
CA TYR A 306 16.35 -9.29 17.75
C TYR A 306 16.56 -7.87 17.18
N LEU A 307 17.53 -7.12 17.72
CA LEU A 307 17.78 -5.74 17.28
C LEU A 307 19.21 -5.51 16.96
N ASN A 308 20.02 -6.52 17.16
CA ASN A 308 21.39 -6.26 16.94
C ASN A 308 22.06 -6.99 15.83
N GLN A 309 21.26 -7.43 14.87
CA GLN A 309 21.79 -8.18 13.77
C GLN A 309 21.89 -7.48 12.40
N SER A 310 21.01 -6.51 12.13
CA SER A 310 21.01 -5.82 10.82
C SER A 310 22.13 -4.83 10.58
N GLY A 311 22.66 -4.37 11.70
CA GLY A 311 23.72 -3.40 11.72
C GLY A 311 23.12 -2.00 11.87
N CYS A 312 21.79 -1.92 11.98
CA CYS A 312 21.14 -0.63 12.10
C CYS A 312 20.20 -0.42 13.24
N VAL A 313 20.46 0.55 14.11
CA VAL A 313 19.56 0.80 15.20
C VAL A 313 18.92 2.13 15.12
N ASP A 314 19.37 3.00 14.23
CA ASP A 314 18.69 4.31 14.18
C ASP A 314 18.43 4.75 12.74
N ILE A 315 17.51 5.70 12.59
CA ILE A 315 17.11 6.25 11.29
C ILE A 315 17.41 7.77 11.27
N LYS A 316 18.21 8.23 10.30
CA LYS A 316 18.57 9.66 10.24
C LYS A 316 17.33 10.54 10.34
N GLY A 317 17.41 11.55 11.21
CA GLY A 317 16.26 12.43 11.32
C GLY A 317 15.17 11.92 12.18
N VAL A 318 15.44 10.80 12.82
CA VAL A 318 14.38 10.31 13.66
C VAL A 318 14.88 10.11 15.08
N SER A 319 14.05 10.56 16.00
CA SER A 319 14.32 10.40 17.40
C SER A 319 13.34 9.36 18.01
N ASP A 320 13.87 8.13 18.20
CA ASP A 320 13.07 7.06 18.77
C ASP A 320 12.51 7.48 20.11
N GLU A 321 13.34 8.17 20.88
CA GLU A 321 12.88 8.63 22.17
C GLU A 321 11.76 9.61 21.99
N ASP A 322 11.88 10.42 20.96
CA ASP A 322 10.83 11.39 20.81
C ASP A 322 9.60 10.76 20.24
N GLU A 323 9.81 9.80 19.35
CA GLU A 323 8.63 9.14 18.83
C GLU A 323 7.94 8.35 19.94
N PHE A 324 8.74 7.84 20.87
CA PHE A 324 8.12 7.11 21.98
C PHE A 324 7.10 7.96 22.69
N LYS A 325 7.43 9.24 22.90
CA LYS A 325 6.48 10.11 23.60
C LYS A 325 5.26 10.29 22.77
N ILE A 326 5.49 10.39 21.48
CA ILE A 326 4.34 10.55 20.65
C ILE A 326 3.44 9.32 20.68
N THR A 327 4.07 8.13 20.64
CA THR A 327 3.29 6.87 20.68
C THR A 327 2.42 6.85 21.95
N ARG A 328 3.11 7.13 23.06
CA ARG A 328 2.39 7.18 24.31
C ARG A 328 1.24 8.17 24.39
N GLN A 329 1.43 9.37 23.85
CA GLN A 329 0.31 10.30 23.93
C GLN A 329 -0.82 9.81 23.07
N ALA A 330 -0.43 9.07 22.02
CA ALA A 330 -1.49 8.61 21.17
C ALA A 330 -2.30 7.58 21.93
N MET A 331 -1.58 6.72 22.62
CA MET A 331 -2.30 5.69 23.36
C MET A 331 -3.20 6.37 24.37
N ASP A 332 -2.61 7.38 25.00
CA ASP A 332 -3.37 8.18 25.94
C ASP A 332 -4.66 8.71 25.30
N ILE A 333 -4.53 9.41 24.15
CA ILE A 333 -5.72 9.93 23.49
C ILE A 333 -6.65 8.80 23.06
N VAL A 334 -6.08 7.71 22.53
CA VAL A 334 -6.97 6.64 22.15
C VAL A 334 -7.61 6.12 23.42
N GLY A 335 -6.87 6.10 24.49
CA GLY A 335 -7.61 5.66 25.63
C GLY A 335 -6.95 4.49 26.32
N PHE A 336 -5.82 4.01 25.85
CA PHE A 336 -5.22 2.90 26.56
C PHE A 336 -4.86 3.26 28.01
N SER A 337 -5.28 2.43 28.97
CA SER A 337 -4.98 2.63 30.37
C SER A 337 -3.51 2.54 30.57
N GLN A 338 -3.13 3.08 31.71
CA GLN A 338 -1.75 3.07 32.09
C GLN A 338 -1.25 1.62 32.26
N GLU A 339 -2.17 0.80 32.76
CA GLU A 339 -1.93 -0.61 33.00
C GLU A 339 -1.80 -1.32 31.67
N GLU A 340 -2.70 -0.92 30.77
CA GLU A 340 -2.68 -1.49 29.44
C GLU A 340 -1.35 -1.14 28.80
N GLN A 341 -1.01 0.15 28.81
CA GLN A 341 0.30 0.50 28.22
C GLN A 341 1.46 -0.28 28.81
N MET A 342 1.45 -0.40 30.13
CA MET A 342 2.50 -1.14 30.79
C MET A 342 2.56 -2.61 30.36
N SER A 343 1.40 -3.20 30.19
CA SER A 343 1.40 -4.58 29.76
C SER A 343 1.98 -4.70 28.33
N ILE A 344 1.61 -3.66 27.54
CA ILE A 344 2.03 -3.49 26.15
C ILE A 344 3.53 -3.51 26.10
N PHE A 345 4.17 -2.72 26.98
CA PHE A 345 5.62 -2.69 26.98
C PHE A 345 6.29 -3.92 27.54
N LYS A 346 5.56 -4.57 28.46
CA LYS A 346 6.12 -5.79 29.02
C LYS A 346 6.15 -6.86 27.94
N ILE A 347 5.09 -6.82 27.12
CA ILE A 347 5.05 -7.79 26.02
C ILE A 347 6.21 -7.53 25.10
N ILE A 348 6.43 -6.24 24.75
CA ILE A 348 7.57 -5.91 23.88
C ILE A 348 8.91 -6.34 24.50
N ALA A 349 9.01 -5.99 25.78
CA ALA A 349 10.21 -6.33 26.53
C ALA A 349 10.35 -7.87 26.60
N GLY A 350 9.26 -8.60 26.89
CA GLY A 350 9.41 -10.06 26.95
C GLY A 350 9.94 -10.62 25.62
N ILE A 351 9.37 -10.09 24.50
CA ILE A 351 9.77 -10.50 23.15
C ILE A 351 11.27 -10.41 22.97
N LEU A 352 11.80 -9.25 23.40
CA LEU A 352 13.25 -8.99 23.36
C LEU A 352 14.06 -10.05 24.13
N HIS A 353 13.65 -10.33 25.38
CA HIS A 353 14.34 -11.34 26.23
C HIS A 353 14.25 -12.72 25.58
N LEU A 354 13.04 -13.08 25.10
CA LEU A 354 12.84 -14.38 24.43
C LEU A 354 13.89 -14.54 23.36
N GLY A 355 14.07 -13.43 22.66
CA GLY A 355 15.01 -13.49 21.58
C GLY A 355 16.43 -13.76 22.02
N ASN A 356 16.62 -13.49 23.29
CA ASN A 356 17.94 -13.66 23.84
C ASN A 356 18.21 -15.07 24.35
N ILE A 357 17.17 -15.89 24.39
CA ILE A 357 17.35 -17.26 24.85
C ILE A 357 18.30 -18.00 23.93
N LYS A 358 19.29 -18.63 24.55
CA LYS A 358 20.28 -19.39 23.75
C LYS A 358 20.20 -20.91 23.94
N PHE A 359 19.64 -21.59 22.97
CA PHE A 359 19.55 -23.03 23.08
C PHE A 359 20.86 -23.67 22.72
N GLU A 360 21.19 -24.66 23.50
CA GLU A 360 22.39 -25.40 23.28
C GLU A 360 22.12 -26.92 23.15
N LYS A 361 22.99 -27.63 22.43
CA LYS A 361 22.85 -29.05 22.28
C LYS A 361 23.09 -29.68 23.65
N GLY A 362 22.28 -30.63 24.00
CA GLY A 362 22.56 -31.20 25.29
C GLY A 362 23.16 -32.57 25.07
N ALA A 363 22.67 -33.45 25.93
CA ALA A 363 23.01 -34.85 26.00
C ALA A 363 23.24 -35.41 24.62
N GLY A 364 22.19 -35.43 23.84
CA GLY A 364 22.39 -35.92 22.52
C GLY A 364 22.00 -34.84 21.54
N GLU A 365 20.81 -35.08 21.01
CA GLU A 365 20.19 -34.25 20.02
C GLU A 365 19.37 -33.13 20.65
N GLY A 366 18.40 -33.50 21.48
CA GLY A 366 17.56 -32.54 22.16
C GLY A 366 18.40 -31.44 22.82
N ALA A 367 17.84 -30.27 22.71
CA ALA A 367 18.48 -29.08 23.24
C ALA A 367 18.34 -28.84 24.72
N VAL A 368 19.24 -28.05 25.28
CA VAL A 368 19.18 -27.66 26.69
C VAL A 368 19.37 -26.14 26.80
N LEU A 369 18.93 -25.57 27.89
CA LEU A 369 19.14 -24.16 28.09
C LEU A 369 20.03 -24.01 29.32
N LYS A 370 21.28 -23.68 29.03
CA LYS A 370 22.27 -23.52 30.09
C LYS A 370 22.11 -22.27 30.92
N ASP A 371 21.78 -21.17 30.31
CA ASP A 371 21.62 -20.01 31.14
C ASP A 371 20.20 -19.54 30.99
N LYS A 372 19.52 -19.40 32.12
CA LYS A 372 18.14 -19.00 32.18
C LYS A 372 17.80 -17.53 32.36
N THR A 373 18.83 -16.70 32.22
CA THR A 373 18.63 -15.26 32.43
C THR A 373 17.50 -14.66 31.60
N ALA A 374 17.68 -14.76 30.26
CA ALA A 374 16.73 -14.29 29.22
C ALA A 374 15.37 -14.93 29.49
N LEU A 375 15.43 -16.27 29.63
CA LEU A 375 14.22 -17.03 29.96
C LEU A 375 13.52 -16.49 31.22
N ASN A 376 14.29 -16.29 32.30
CA ASN A 376 13.66 -15.81 33.52
C ASN A 376 13.09 -14.38 33.39
N ALA A 377 13.90 -13.49 32.73
CA ALA A 377 13.57 -12.08 32.45
C ALA A 377 12.23 -12.04 31.72
N ALA A 378 12.14 -12.81 30.60
CA ALA A 378 10.90 -12.92 29.83
C ALA A 378 9.69 -13.39 30.66
N SER A 379 9.93 -14.48 31.41
CA SER A 379 8.85 -15.01 32.19
C SER A 379 8.44 -14.00 33.20
N THR A 380 9.45 -13.35 33.72
CA THR A 380 9.07 -12.38 34.73
C THR A 380 8.25 -11.25 34.12
N VAL A 381 8.65 -10.70 32.97
CA VAL A 381 7.82 -9.63 32.42
C VAL A 381 6.49 -10.13 31.93
N PHE A 382 6.42 -11.33 31.33
CA PHE A 382 5.11 -11.80 30.86
C PHE A 382 4.17 -12.32 31.94
N GLY A 383 4.72 -12.69 33.10
CA GLY A 383 3.84 -13.25 34.15
C GLY A 383 3.42 -14.73 33.91
N VAL A 384 4.38 -15.51 33.42
CA VAL A 384 4.24 -16.92 33.08
C VAL A 384 5.30 -17.70 33.85
N ASN A 385 5.14 -19.01 33.99
CA ASN A 385 6.12 -19.81 34.72
C ASN A 385 7.26 -20.21 33.84
N PRO A 386 8.48 -19.92 34.33
CA PRO A 386 9.68 -20.21 33.58
C PRO A 386 9.95 -21.66 33.28
N SER A 387 9.60 -22.58 34.19
CA SER A 387 9.92 -23.99 33.94
C SER A 387 8.97 -24.57 32.95
N VAL A 388 7.75 -24.04 33.10
CA VAL A 388 6.70 -24.43 32.21
C VAL A 388 7.03 -23.94 30.83
N LEU A 389 7.52 -22.70 30.78
CA LEU A 389 7.86 -22.12 29.51
C LEU A 389 9.01 -22.87 28.89
N GLU A 390 10.03 -23.21 29.70
CA GLU A 390 11.19 -23.94 29.20
C GLU A 390 10.83 -25.31 28.60
N LYS A 391 9.94 -25.99 29.32
CA LYS A 391 9.46 -27.30 28.87
C LYS A 391 8.64 -27.13 27.61
N ALA A 392 7.83 -26.07 27.58
CA ALA A 392 7.04 -25.86 26.37
C ALA A 392 7.89 -25.56 25.12
N LEU A 393 9.08 -25.06 25.37
CA LEU A 393 9.96 -24.69 24.27
C LEU A 393 10.80 -25.87 23.77
N MET A 394 11.38 -26.61 24.72
CA MET A 394 12.28 -27.71 24.40
C MET A 394 11.68 -29.09 24.30
N GLU A 395 10.65 -29.27 25.09
CA GLU A 395 9.98 -30.53 25.10
C GLU A 395 8.50 -30.38 25.05
N PRO A 396 7.97 -29.76 24.02
CA PRO A 396 6.54 -29.61 23.97
C PRO A 396 5.87 -30.99 23.75
N ARG A 397 4.66 -31.18 24.24
CA ARG A 397 3.97 -32.44 24.02
C ARG A 397 3.03 -32.39 22.85
N ILE A 398 2.92 -33.53 22.18
CA ILE A 398 2.01 -33.68 21.06
C ILE A 398 1.31 -35.03 21.09
N LEU A 399 0.29 -35.21 20.26
CA LEU A 399 -0.35 -36.51 20.20
C LEU A 399 0.35 -37.30 19.11
N ALA A 400 0.49 -38.59 19.33
CA ALA A 400 1.05 -39.55 18.38
C ALA A 400 -0.14 -40.52 18.28
N GLY A 401 -1.05 -40.26 17.35
CA GLY A 401 -2.28 -41.00 17.23
C GLY A 401 -3.09 -40.33 18.34
N ARG A 402 -3.24 -41.03 19.50
CA ARG A 402 -3.95 -40.53 20.68
C ARG A 402 -3.07 -40.51 21.91
N ASP A 403 -1.92 -41.10 21.71
CA ASP A 403 -0.97 -41.13 22.79
C ASP A 403 -0.40 -39.74 22.96
N LEU A 404 0.02 -39.45 24.17
CA LEU A 404 0.62 -38.16 24.48
C LEU A 404 2.15 -38.32 24.60
N VAL A 405 2.90 -37.70 23.69
CA VAL A 405 4.35 -37.82 23.75
C VAL A 405 5.05 -36.46 23.83
N ALA A 406 6.05 -36.41 24.65
CA ALA A 406 6.80 -35.18 24.76
C ALA A 406 7.86 -35.23 23.68
N GLN A 407 8.07 -34.12 23.01
CA GLN A 407 9.10 -34.16 21.99
C GLN A 407 10.36 -33.66 22.69
N HIS A 408 11.46 -33.80 22.03
CA HIS A 408 12.66 -33.28 22.65
C HIS A 408 13.33 -32.54 21.52
N LEU A 409 12.94 -31.30 21.30
CA LEU A 409 13.47 -30.56 20.16
C LEU A 409 14.96 -30.23 20.20
N ASN A 410 15.60 -30.23 19.03
CA ASN A 410 17.02 -29.87 19.01
C ASN A 410 17.15 -28.35 19.07
N VAL A 411 18.38 -27.93 18.98
CA VAL A 411 18.68 -26.54 19.02
C VAL A 411 17.90 -25.76 17.95
N GLU A 412 17.96 -26.24 16.71
CA GLU A 412 17.26 -25.60 15.60
C GLU A 412 15.74 -25.51 15.82
N LYS A 413 15.07 -26.61 16.16
CA LYS A 413 13.65 -26.57 16.38
C LYS A 413 13.24 -25.76 17.58
N SER A 414 14.06 -25.80 18.64
CA SER A 414 13.71 -25.03 19.84
C SER A 414 13.73 -23.53 19.53
N SER A 415 14.74 -23.09 18.77
CA SER A 415 14.88 -21.68 18.39
C SER A 415 13.70 -21.24 17.54
N SER A 416 13.36 -22.10 16.54
CA SER A 416 12.25 -21.86 15.63
C SER A 416 10.96 -21.72 16.40
N SER A 417 10.85 -22.54 17.47
CA SER A 417 9.64 -22.52 18.30
C SER A 417 9.57 -21.24 19.13
N ARG A 418 10.73 -20.88 19.72
CA ARG A 418 10.78 -19.64 20.52
C ARG A 418 10.38 -18.52 19.53
N ASP A 419 10.90 -18.60 18.28
CA ASP A 419 10.56 -17.61 17.24
C ASP A 419 9.08 -17.58 16.94
N ALA A 420 8.51 -18.78 16.86
CA ALA A 420 7.08 -18.89 16.58
C ALA A 420 6.31 -18.26 17.73
N LEU A 421 6.77 -18.49 18.96
CA LEU A 421 6.07 -17.90 20.09
C LEU A 421 6.14 -16.35 20.04
N VAL A 422 7.30 -15.81 19.75
CA VAL A 422 7.47 -14.33 19.67
C VAL A 422 6.52 -13.72 18.60
N LYS A 423 6.53 -14.33 17.38
CA LYS A 423 5.70 -13.93 16.25
C LYS A 423 4.23 -13.91 16.58
N ALA A 424 3.78 -14.91 17.31
CA ALA A 424 2.36 -14.95 17.69
C ALA A 424 2.07 -13.88 18.75
N LEU A 425 3.06 -13.68 19.66
CA LEU A 425 2.89 -12.69 20.73
C LEU A 425 2.72 -11.35 20.01
N TYR A 426 3.66 -11.12 19.14
CA TYR A 426 3.61 -9.87 18.38
C TYR A 426 2.39 -9.68 17.51
N GLY A 427 2.12 -10.65 16.61
CA GLY A 427 0.95 -10.54 15.76
C GLY A 427 -0.31 -10.46 16.57
N ARG A 428 -0.37 -11.22 17.65
CA ARG A 428 -1.62 -11.07 18.37
C ARG A 428 -1.76 -9.71 19.11
N LEU A 429 -0.62 -9.18 19.59
CA LEU A 429 -0.59 -7.90 20.27
C LEU A 429 -1.04 -6.86 19.25
N PHE A 430 -0.53 -6.99 18.05
CA PHE A 430 -0.94 -6.07 17.01
C PHE A 430 -2.44 -6.10 16.78
N LEU A 431 -2.97 -7.29 16.66
CA LEU A 431 -4.39 -7.38 16.43
C LEU A 431 -5.14 -6.80 17.58
N TRP A 432 -4.60 -7.04 18.78
CA TRP A 432 -5.30 -6.51 19.93
C TRP A 432 -5.35 -4.97 19.90
N LEU A 433 -4.20 -4.34 19.55
CA LEU A 433 -4.07 -2.87 19.44
C LEU A 433 -5.09 -2.40 18.44
N VAL A 434 -5.14 -3.02 17.27
CA VAL A 434 -6.17 -2.59 16.33
C VAL A 434 -7.60 -2.73 16.84
N LYS A 435 -7.91 -3.90 17.44
CA LYS A 435 -9.27 -4.14 17.94
C LYS A 435 -9.59 -3.14 19.02
N LYS A 436 -8.58 -2.89 19.84
CA LYS A 436 -8.77 -1.93 20.89
C LYS A 436 -9.12 -0.61 20.25
N ILE A 437 -8.37 -0.23 19.23
CA ILE A 437 -8.62 1.02 18.53
C ILE A 437 -9.97 1.02 17.90
N ASN A 438 -10.28 -0.06 17.21
CA ASN A 438 -11.60 -0.07 16.61
C ASN A 438 -12.73 0.03 17.60
N ASN A 439 -12.58 -0.56 18.79
CA ASN A 439 -13.71 -0.45 19.68
C ASN A 439 -13.94 0.94 20.16
N VAL A 440 -12.86 1.66 20.31
CA VAL A 440 -12.99 3.04 20.73
C VAL A 440 -13.73 3.83 19.67
N LEU A 441 -13.39 3.53 18.41
CA LEU A 441 -13.95 4.19 17.23
C LEU A 441 -15.30 3.71 16.79
N CYS A 442 -15.80 2.64 17.41
CA CYS A 442 -17.11 2.19 17.01
C CYS A 442 -18.14 2.75 17.99
N SER A 443 -18.98 3.59 17.41
CA SER A 443 -19.99 4.27 18.16
C SER A 443 -21.15 4.65 17.31
N GLU A 444 -21.16 4.26 16.04
CA GLU A 444 -22.30 4.62 15.27
C GLU A 444 -22.55 3.71 14.11
N ARG A 445 -23.82 3.61 13.87
CA ARG A 445 -24.29 2.83 12.78
C ARG A 445 -24.10 3.83 11.63
N ALA A 446 -23.02 3.65 10.89
CA ALA A 446 -22.63 4.48 9.77
C ALA A 446 -23.71 4.57 8.68
N ALA A 447 -23.88 5.73 8.06
CA ALA A 447 -24.84 5.87 6.99
C ALA A 447 -23.99 5.67 5.74
N TYR A 448 -22.74 6.12 5.83
CA TYR A 448 -21.83 6.00 4.70
C TYR A 448 -20.38 5.88 5.14
N PHE A 449 -19.56 5.57 4.14
CA PHE A 449 -18.16 5.50 4.45
C PHE A 449 -17.33 5.85 3.23
N ILE A 450 -16.12 6.29 3.60
CA ILE A 450 -15.16 6.57 2.58
C ILE A 450 -14.05 5.65 3.06
N GLY A 451 -13.72 4.65 2.24
CA GLY A 451 -12.67 3.74 2.66
C GLY A 451 -11.36 4.06 1.95
N VAL A 452 -10.32 4.19 2.79
CA VAL A 452 -8.96 4.51 2.35
C VAL A 452 -8.08 3.29 2.47
N LEU A 453 -7.54 2.89 1.34
CA LEU A 453 -6.68 1.73 1.31
C LEU A 453 -5.20 2.06 1.27
N ASP A 454 -4.42 1.66 2.29
CA ASP A 454 -2.99 1.87 2.37
C ASP A 454 -2.32 0.51 2.63
N ILE A 455 -1.97 -0.18 1.55
CA ILE A 455 -1.32 -1.48 1.64
C ILE A 455 0.21 -1.37 1.64
N SER A 456 0.90 -2.47 1.92
CA SER A 456 2.34 -2.46 1.85
C SER A 456 2.48 -2.51 0.31
N GLY A 457 3.27 -1.64 -0.30
CA GLY A 457 3.36 -1.68 -1.75
C GLY A 457 4.39 -2.67 -2.27
N PHE A 458 4.32 -2.77 -3.59
CA PHE A 458 5.17 -3.63 -4.37
C PHE A 458 6.62 -3.45 -3.97
N GLU A 459 7.27 -4.59 -3.70
CA GLU A 459 8.67 -4.60 -3.28
C GLU A 459 9.44 -5.81 -3.74
N ILE A 460 10.70 -5.55 -3.99
CA ILE A 460 11.70 -6.52 -4.44
C ILE A 460 12.96 -6.39 -3.65
N PHE A 461 13.42 -7.49 -3.09
CA PHE A 461 14.65 -7.51 -2.33
C PHE A 461 15.52 -8.58 -2.87
N LYS A 462 16.73 -8.65 -2.35
CA LYS A 462 17.62 -9.70 -2.82
C LYS A 462 16.97 -11.06 -2.53
N VAL A 463 16.28 -11.14 -1.40
CA VAL A 463 15.58 -12.35 -1.01
C VAL A 463 14.14 -12.06 -0.84
N ASN A 464 13.35 -12.63 -1.73
CA ASN A 464 11.92 -12.45 -1.66
C ASN A 464 11.27 -13.75 -1.13
N SER A 465 10.50 -13.67 -0.06
CA SER A 465 9.90 -14.86 0.51
C SER A 465 8.42 -14.80 0.40
N PHE A 466 7.77 -15.63 1.18
CA PHE A 466 6.33 -15.71 1.16
C PHE A 466 5.68 -14.36 1.44
N GLU A 467 6.21 -13.60 2.39
CA GLU A 467 5.63 -12.28 2.64
C GLU A 467 5.60 -11.42 1.35
N GLN A 468 6.70 -11.41 0.60
CA GLN A 468 6.79 -10.63 -0.62
C GLN A 468 5.76 -11.09 -1.65
N LEU A 469 5.61 -12.40 -1.74
CA LEU A 469 4.64 -12.87 -2.69
C LEU A 469 3.24 -12.37 -2.34
N CYS A 470 2.88 -12.43 -1.06
CA CYS A 470 1.56 -12.00 -0.75
C CYS A 470 1.42 -10.50 -0.99
N ILE A 471 2.49 -9.77 -0.71
CA ILE A 471 2.42 -8.32 -0.94
C ILE A 471 2.29 -8.01 -2.42
N ASN A 472 3.17 -8.57 -3.20
CA ASN A 472 3.12 -8.28 -4.62
C ASN A 472 1.86 -8.76 -5.30
N TYR A 473 1.29 -9.81 -4.71
CA TYR A 473 0.06 -10.34 -5.27
C TYR A 473 -1.03 -9.33 -4.96
N THR A 474 -0.96 -8.76 -3.74
CA THR A 474 -1.99 -7.79 -3.39
C THR A 474 -1.92 -6.57 -4.35
N ASN A 475 -0.70 -6.08 -4.58
CA ASN A 475 -0.45 -4.92 -5.47
C ASN A 475 -0.91 -5.31 -6.85
N GLU A 476 -0.64 -6.54 -7.30
CA GLU A 476 -1.13 -6.96 -8.63
C GLU A 476 -2.67 -6.92 -8.72
N LYS A 477 -3.37 -7.31 -7.64
CA LYS A 477 -4.82 -7.29 -7.61
C LYS A 477 -5.36 -5.86 -7.61
N LEU A 478 -4.69 -4.97 -6.87
CA LEU A 478 -5.10 -3.56 -6.79
C LEU A 478 -4.90 -2.96 -8.20
N GLN A 479 -3.83 -3.29 -8.89
CA GLN A 479 -3.66 -2.78 -10.21
C GLN A 479 -4.74 -3.31 -11.10
N GLN A 480 -5.12 -4.57 -10.89
CA GLN A 480 -6.15 -5.13 -11.75
C GLN A 480 -7.44 -4.42 -11.47
N PHE A 481 -7.66 -4.08 -10.22
CA PHE A 481 -8.88 -3.36 -9.91
C PHE A 481 -8.92 -2.02 -10.66
N PHE A 482 -7.77 -1.33 -10.80
CA PHE A 482 -7.71 -0.07 -11.56
C PHE A 482 -8.01 -0.39 -13.04
N ASN A 483 -7.36 -1.44 -13.57
CA ASN A 483 -7.57 -1.79 -14.95
C ASN A 483 -9.03 -2.02 -15.19
N HIS A 484 -9.58 -2.82 -14.32
CA HIS A 484 -10.98 -3.13 -14.44
C HIS A 484 -11.90 -1.92 -14.51
N HIS A 485 -11.68 -1.07 -13.53
CA HIS A 485 -12.45 0.15 -13.38
C HIS A 485 -12.28 1.17 -14.47
N MET A 486 -11.04 1.37 -14.85
CA MET A 486 -10.71 2.35 -15.82
C MET A 486 -10.98 1.97 -17.20
N PHE A 487 -10.77 0.71 -17.46
CA PHE A 487 -11.00 0.34 -18.82
C PHE A 487 -12.10 -0.66 -19.13
N LYS A 488 -12.16 -1.75 -18.35
CA LYS A 488 -13.12 -2.83 -18.59
C LYS A 488 -14.55 -2.37 -18.46
N VAL A 489 -14.83 -1.96 -17.25
CA VAL A 489 -16.16 -1.51 -16.97
C VAL A 489 -16.53 -0.31 -17.85
N GLU A 490 -15.63 0.65 -18.03
CA GLU A 490 -15.86 1.84 -18.82
C GLU A 490 -16.32 1.46 -20.21
N GLN A 491 -15.49 0.70 -20.88
CA GLN A 491 -15.87 0.34 -22.21
C GLN A 491 -17.19 -0.42 -22.26
N GLU A 492 -17.42 -1.34 -21.33
CA GLU A 492 -18.67 -2.08 -21.33
C GLU A 492 -19.86 -1.15 -21.30
N GLU A 493 -19.82 -0.08 -20.49
CA GLU A 493 -20.95 0.82 -20.48
C GLU A 493 -21.19 1.35 -21.88
N TYR A 494 -20.14 1.91 -22.45
CA TYR A 494 -20.15 2.45 -23.77
C TYR A 494 -20.77 1.48 -24.75
N LEU A 495 -20.26 0.25 -24.69
CA LEU A 495 -20.73 -0.77 -25.59
C LEU A 495 -22.16 -1.13 -25.27
N LYS A 496 -22.44 -1.14 -23.98
CA LYS A 496 -23.78 -1.45 -23.51
C LYS A 496 -24.71 -0.42 -24.12
N GLU A 497 -24.46 0.83 -23.74
CA GLU A 497 -25.25 1.95 -24.21
C GLU A 497 -25.23 2.19 -25.70
N LYS A 498 -24.60 1.27 -26.42
CA LYS A 498 -24.50 1.32 -27.85
C LYS A 498 -24.25 2.72 -28.36
N ILE A 499 -23.19 3.32 -27.87
CA ILE A 499 -22.89 4.66 -28.27
C ILE A 499 -21.97 4.74 -29.49
N ASN A 500 -21.74 3.54 -30.07
CA ASN A 500 -20.91 3.26 -31.22
C ASN A 500 -19.46 3.31 -30.83
N TRP A 501 -19.16 2.74 -29.69
CA TRP A 501 -17.79 2.75 -29.26
C TRP A 501 -17.05 1.60 -29.90
N THR A 502 -15.88 1.92 -30.43
CA THR A 502 -15.11 0.84 -31.00
C THR A 502 -14.12 0.51 -29.90
N PHE A 503 -14.29 -0.72 -29.43
CA PHE A 503 -13.48 -1.23 -28.36
C PHE A 503 -11.99 -1.17 -28.56
N ILE A 504 -11.33 -0.67 -27.53
CA ILE A 504 -9.90 -0.58 -27.58
C ILE A 504 -9.29 -1.53 -26.57
N ASP A 505 -8.23 -2.12 -27.00
CA ASP A 505 -7.53 -3.03 -26.14
C ASP A 505 -6.39 -2.21 -25.53
N PHE A 506 -6.52 -1.81 -24.28
CA PHE A 506 -5.44 -1.05 -23.64
C PHE A 506 -4.13 -1.81 -23.40
N GLY A 507 -4.12 -3.13 -23.58
CA GLY A 507 -2.91 -3.90 -23.41
C GLY A 507 -2.53 -4.06 -21.96
N LEU A 508 -3.44 -3.75 -21.02
CA LEU A 508 -3.12 -3.90 -19.60
C LEU A 508 -4.00 -4.99 -19.00
N ASP A 509 -3.33 -6.02 -18.51
CA ASP A 509 -4.04 -7.15 -17.91
C ASP A 509 -3.17 -8.01 -17.02
N SER A 510 -3.49 -7.93 -15.72
CA SER A 510 -2.80 -8.64 -14.65
C SER A 510 -3.49 -9.94 -14.32
N GLN A 511 -4.48 -10.32 -15.12
CA GLN A 511 -5.24 -11.53 -14.84
C GLN A 511 -4.43 -12.80 -14.78
N ALA A 512 -3.61 -12.98 -15.81
CA ALA A 512 -2.80 -14.15 -15.92
C ALA A 512 -1.90 -14.29 -14.74
N THR A 513 -1.38 -13.17 -14.26
CA THR A 513 -0.52 -13.23 -13.11
C THR A 513 -1.31 -13.55 -11.87
N ILE A 514 -2.49 -12.92 -11.76
CA ILE A 514 -3.38 -13.14 -10.63
C ILE A 514 -3.76 -14.62 -10.50
N ASP A 515 -4.12 -15.20 -11.66
CA ASP A 515 -4.54 -16.61 -11.78
C ASP A 515 -3.42 -17.59 -11.40
N LEU A 516 -2.21 -17.31 -11.90
CA LEU A 516 -1.00 -18.11 -11.64
C LEU A 516 -0.84 -18.28 -10.13
N ILE A 517 -1.13 -17.21 -9.43
CA ILE A 517 -0.99 -17.20 -8.00
C ILE A 517 -2.12 -17.78 -7.17
N ASP A 518 -3.29 -17.29 -7.43
CA ASP A 518 -4.40 -17.72 -6.63
C ASP A 518 -5.43 -18.64 -7.31
N GLY A 519 -5.15 -19.14 -8.51
CA GLY A 519 -6.12 -20.02 -9.17
C GLY A 519 -6.41 -21.34 -8.45
N ARG A 520 -7.67 -21.77 -8.58
CA ARG A 520 -8.16 -23.01 -7.96
C ARG A 520 -8.01 -24.16 -8.95
N GLN A 521 -8.67 -23.98 -10.08
CA GLN A 521 -8.54 -25.05 -11.02
C GLN A 521 -8.35 -24.57 -12.41
N PRO A 522 -7.20 -24.88 -12.99
CA PRO A 522 -6.13 -25.64 -12.36
C PRO A 522 -5.63 -24.85 -11.16
N PRO A 523 -5.06 -25.56 -10.22
CA PRO A 523 -4.52 -24.95 -9.02
C PRO A 523 -3.32 -24.03 -9.30
N GLY A 524 -3.35 -22.87 -8.64
CA GLY A 524 -2.25 -21.93 -8.82
C GLY A 524 -1.15 -22.20 -7.81
N ILE A 525 -0.27 -21.23 -7.57
CA ILE A 525 0.80 -21.38 -6.64
C ILE A 525 0.29 -21.55 -5.25
N LEU A 526 -0.66 -20.72 -4.86
CA LEU A 526 -1.18 -20.79 -3.49
C LEU A 526 -1.90 -22.11 -3.17
N ALA A 527 -2.65 -22.62 -4.14
CA ALA A 527 -3.41 -23.86 -4.04
C ALA A 527 -2.40 -24.98 -3.82
N LEU A 528 -1.37 -25.00 -4.65
CA LEU A 528 -0.36 -26.05 -4.50
C LEU A 528 0.38 -25.95 -3.18
N LEU A 529 0.61 -24.73 -2.72
CA LEU A 529 1.32 -24.59 -1.48
C LEU A 529 0.46 -25.12 -0.34
N ASP A 530 -0.84 -24.85 -0.47
CA ASP A 530 -1.82 -25.29 0.52
C ASP A 530 -1.87 -26.84 0.57
N GLU A 531 -1.92 -27.50 -0.58
CA GLU A 531 -1.95 -28.94 -0.71
C GLU A 531 -0.71 -29.55 -0.11
N GLN A 532 0.44 -29.06 -0.52
CA GLN A 532 1.68 -29.53 0.06
C GLN A 532 1.75 -29.25 1.57
N SER A 533 1.12 -28.14 1.99
CA SER A 533 1.12 -27.74 3.38
C SER A 533 0.41 -28.71 4.31
N VAL A 534 -0.51 -29.51 3.78
CA VAL A 534 -1.22 -30.43 4.64
C VAL A 534 -0.85 -31.83 4.24
N PHE A 535 0.30 -31.93 3.63
CA PHE A 535 0.82 -33.20 3.21
C PHE A 535 2.00 -33.55 4.12
N PRO A 536 1.84 -34.68 4.83
CA PRO A 536 2.80 -35.16 5.81
C PRO A 536 4.21 -35.35 5.37
N ASN A 537 4.39 -35.76 4.12
CA ASN A 537 5.76 -35.96 3.69
C ASN A 537 6.27 -34.79 2.80
N ALA A 538 5.58 -33.65 2.73
CA ALA A 538 5.98 -32.53 1.89
C ALA A 538 7.23 -31.85 2.47
N THR A 539 8.07 -31.24 1.64
CA THR A 539 9.23 -30.52 2.14
C THR A 539 9.33 -29.24 1.28
N ASP A 540 10.17 -28.27 1.63
CA ASP A 540 10.25 -27.13 0.75
C ASP A 540 10.71 -27.63 -0.59
N ASN A 541 11.51 -28.70 -0.60
CA ASN A 541 11.95 -29.24 -1.88
C ASN A 541 10.89 -29.88 -2.74
N THR A 542 9.93 -30.53 -2.09
CA THR A 542 8.85 -31.14 -2.85
C THR A 542 7.94 -30.07 -3.36
N LEU A 543 7.82 -29.01 -2.58
CA LEU A 543 6.98 -27.90 -2.98
C LEU A 543 7.45 -27.22 -4.27
N ILE A 544 8.71 -26.83 -4.24
CA ILE A 544 9.22 -26.16 -5.41
C ILE A 544 9.16 -27.04 -6.64
N THR A 545 9.44 -28.31 -6.42
CA THR A 545 9.39 -29.24 -7.51
C THR A 545 8.02 -29.30 -8.11
N LYS A 546 7.05 -29.29 -7.22
CA LYS A 546 5.68 -29.34 -7.64
C LYS A 546 5.33 -28.06 -8.40
N LEU A 547 5.79 -26.89 -7.94
CA LEU A 547 5.44 -25.66 -8.65
C LEU A 547 5.99 -25.75 -10.06
N HIS A 548 7.26 -26.14 -10.10
CA HIS A 548 7.85 -26.25 -11.39
C HIS A 548 7.09 -27.23 -12.25
N SER A 549 6.77 -28.37 -11.68
CA SER A 549 6.09 -29.31 -12.52
C SER A 549 4.80 -28.79 -13.12
N HIS A 550 4.14 -27.93 -12.36
CA HIS A 550 2.91 -27.38 -12.87
C HIS A 550 3.03 -26.19 -13.76
N PHE A 551 4.05 -25.36 -13.56
CA PHE A 551 4.11 -24.12 -14.35
C PHE A 551 5.28 -23.91 -15.27
N SER A 552 6.39 -24.60 -14.99
CA SER A 552 7.57 -24.43 -15.79
C SER A 552 7.23 -24.72 -17.22
N LYS A 553 7.52 -23.78 -18.11
CA LYS A 553 7.24 -23.99 -19.54
C LYS A 553 5.80 -24.26 -19.89
N LYS A 554 4.92 -23.89 -18.99
CA LYS A 554 3.50 -24.05 -19.18
C LYS A 554 2.72 -22.77 -18.87
N ASN A 555 3.23 -21.96 -17.96
CA ASN A 555 2.54 -20.73 -17.60
C ASN A 555 3.44 -19.55 -17.99
N ALA A 556 2.95 -18.66 -18.84
CA ALA A 556 3.72 -17.51 -19.34
C ALA A 556 4.31 -16.55 -18.31
N LYS A 557 3.61 -16.43 -17.18
CA LYS A 557 4.04 -15.55 -16.12
C LYS A 557 4.92 -16.23 -15.11
N TYR A 558 5.33 -17.47 -15.37
CA TYR A 558 6.12 -18.20 -14.39
C TYR A 558 7.47 -18.58 -14.90
N GLU A 559 8.45 -18.56 -14.06
CA GLU A 559 9.69 -19.03 -14.62
C GLU A 559 10.43 -19.91 -13.64
N GLU A 560 10.96 -21.03 -14.15
CA GLU A 560 11.77 -21.89 -13.32
C GLU A 560 13.17 -21.49 -13.71
N PRO A 561 13.94 -20.90 -12.80
CA PRO A 561 15.25 -20.43 -13.17
C PRO A 561 16.27 -21.50 -13.35
N ARG A 562 17.21 -21.28 -14.24
CA ARG A 562 18.24 -22.26 -14.41
C ARG A 562 19.41 -22.05 -13.46
N PHE A 563 19.34 -20.97 -12.70
CA PHE A 563 20.48 -20.69 -11.86
C PHE A 563 20.22 -21.02 -10.43
N SER A 564 19.03 -21.52 -10.14
CA SER A 564 18.75 -21.87 -8.77
C SER A 564 17.76 -23.04 -8.72
N LYS A 565 17.81 -23.79 -7.63
CA LYS A 565 16.85 -24.89 -7.49
C LYS A 565 15.85 -24.55 -6.43
N THR A 566 16.00 -23.45 -5.68
CA THR A 566 15.04 -23.12 -4.65
C THR A 566 14.18 -21.84 -4.94
N GLU A 567 14.22 -21.36 -6.16
CA GLU A 567 13.47 -20.15 -6.46
C GLU A 567 12.66 -20.29 -7.73
N PHE A 568 11.61 -19.48 -7.75
CA PHE A 568 10.75 -19.46 -8.89
C PHE A 568 10.41 -18.01 -9.16
N GLY A 569 10.18 -17.74 -10.45
CA GLY A 569 9.87 -16.36 -10.84
C GLY A 569 8.47 -16.10 -11.28
N VAL A 570 7.98 -14.96 -10.84
CA VAL A 570 6.66 -14.58 -11.23
C VAL A 570 6.76 -13.20 -11.90
N THR A 571 6.18 -13.06 -13.08
CA THR A 571 6.17 -11.79 -13.84
C THR A 571 4.94 -11.00 -13.48
N HIS A 572 5.13 -10.02 -12.62
CA HIS A 572 4.06 -9.18 -12.15
C HIS A 572 4.02 -7.95 -13.03
N TYR A 573 2.97 -7.17 -12.89
CA TYR A 573 2.79 -5.93 -13.64
C TYR A 573 3.99 -5.01 -13.44
N ALA A 574 4.51 -4.97 -12.23
CA ALA A 574 5.66 -4.17 -11.88
C ALA A 574 7.01 -4.72 -12.16
N GLY A 575 7.06 -5.94 -12.69
CA GLY A 575 8.36 -6.50 -12.96
C GLY A 575 8.42 -7.96 -12.47
N GLN A 576 9.35 -8.72 -13.00
CA GLN A 576 9.45 -10.11 -12.57
C GLN A 576 10.09 -10.17 -11.19
N VAL A 577 9.68 -11.09 -10.31
CA VAL A 577 10.28 -11.18 -8.98
C VAL A 577 10.70 -12.63 -8.78
N MET A 578 11.88 -12.91 -8.23
CA MET A 578 12.32 -14.29 -7.96
C MET A 578 12.04 -14.54 -6.49
N TYR A 579 11.27 -15.61 -6.21
CA TYR A 579 10.91 -16.02 -4.83
C TYR A 579 11.70 -17.23 -4.34
N GLU A 580 12.21 -17.16 -3.10
CA GLU A 580 12.98 -18.22 -2.43
C GLU A 580 11.95 -18.97 -1.62
N ILE A 581 11.88 -20.29 -1.90
CA ILE A 581 10.91 -21.23 -1.29
C ILE A 581 11.14 -21.60 0.18
N GLN A 582 12.38 -21.38 0.63
CA GLN A 582 12.73 -21.68 1.99
C GLN A 582 11.70 -21.28 3.03
N ASP A 583 11.28 -22.26 3.88
CA ASP A 583 10.30 -22.06 4.96
C ASP A 583 8.87 -21.83 4.57
N TRP A 584 8.58 -21.95 3.24
CA TRP A 584 7.22 -21.72 2.85
C TRP A 584 6.17 -22.58 3.53
N LEU A 585 6.40 -23.87 3.70
CA LEU A 585 5.37 -24.69 4.35
C LEU A 585 5.16 -24.24 5.77
N GLU A 586 6.27 -23.98 6.47
CA GLU A 586 6.10 -23.55 7.86
C GLU A 586 5.43 -22.23 7.96
N LYS A 587 5.82 -21.38 7.01
CA LYS A 587 5.21 -20.07 6.97
C LYS A 587 3.72 -20.18 6.68
N ASN A 588 3.34 -21.03 5.71
CA ASN A 588 1.91 -21.15 5.42
C ASN A 588 1.09 -21.80 6.54
N LYS A 589 1.72 -22.78 7.22
CA LYS A 589 1.10 -23.50 8.33
C LYS A 589 1.06 -22.62 9.54
N ASP A 590 2.09 -21.79 9.71
CA ASP A 590 2.12 -20.89 10.86
C ASP A 590 1.87 -21.63 12.18
N PRO A 591 2.72 -22.60 12.46
CA PRO A 591 2.58 -23.39 13.66
C PRO A 591 2.98 -22.75 14.95
N LEU A 592 2.43 -23.25 16.03
CA LEU A 592 2.73 -22.79 17.36
C LEU A 592 2.45 -23.93 18.34
N GLN A 593 3.47 -24.44 19.00
CA GLN A 593 3.15 -25.49 19.95
C GLN A 593 2.11 -25.10 20.97
N GLN A 594 1.16 -26.03 21.10
CA GLN A 594 0.07 -25.83 22.04
C GLN A 594 0.51 -25.71 23.52
N ASP A 595 1.60 -26.38 23.85
CA ASP A 595 2.05 -26.27 25.24
C ASP A 595 2.48 -24.79 25.43
N LEU A 596 2.93 -24.12 24.35
CA LEU A 596 3.32 -22.69 24.45
C LEU A 596 2.09 -21.86 24.78
N GLU A 597 1.03 -22.20 24.06
CA GLU A 597 -0.16 -21.48 24.37
C GLU A 597 -0.67 -21.80 25.73
N LEU A 598 -0.50 -23.05 26.24
CA LEU A 598 -1.01 -23.34 27.57
C LEU A 598 -0.25 -22.51 28.60
N CYS A 599 1.05 -22.36 28.34
CA CYS A 599 1.92 -21.61 29.24
C CYS A 599 1.47 -20.15 29.43
N PHE A 600 1.15 -19.55 28.29
CA PHE A 600 0.69 -18.17 28.20
C PHE A 600 -0.75 -17.95 28.62
N LYS A 601 -1.64 -18.93 28.44
CA LYS A 601 -3.01 -18.74 28.90
C LYS A 601 -3.00 -18.57 30.41
N ASP A 602 -1.93 -19.03 31.03
CA ASP A 602 -1.73 -18.95 32.47
C ASP A 602 -1.00 -17.69 32.97
N SER A 603 -0.81 -16.76 32.06
CA SER A 603 -0.12 -15.53 32.40
C SER A 603 -0.90 -14.69 33.43
N SER A 604 -0.16 -14.11 34.38
CA SER A 604 -0.80 -13.21 35.35
C SER A 604 -1.15 -11.84 34.74
N ASP A 605 -0.73 -11.64 33.51
CA ASP A 605 -0.98 -10.39 32.79
C ASP A 605 -2.28 -10.40 32.02
N ASN A 606 -3.07 -9.41 32.37
CA ASN A 606 -4.37 -9.20 31.81
C ASN A 606 -4.33 -9.07 30.32
N VAL A 607 -3.28 -8.45 29.81
CA VAL A 607 -3.24 -8.31 28.37
C VAL A 607 -2.81 -9.63 27.73
N VAL A 608 -1.71 -10.19 28.25
CA VAL A 608 -1.17 -11.43 27.74
C VAL A 608 -2.28 -12.47 27.68
N THR A 609 -3.11 -12.51 28.72
CA THR A 609 -4.24 -13.43 28.85
C THR A 609 -5.20 -13.35 27.68
N LYS A 610 -5.54 -12.10 27.35
CA LYS A 610 -6.44 -11.88 26.23
C LYS A 610 -5.85 -12.36 24.92
N LEU A 611 -4.56 -12.13 24.75
CA LEU A 611 -3.93 -12.57 23.52
C LEU A 611 -4.02 -14.08 23.32
N PHE A 612 -4.06 -14.80 24.44
CA PHE A 612 -4.12 -16.25 24.42
C PHE A 612 -5.48 -16.88 24.65
N ASN A 613 -6.38 -16.15 25.33
CA ASN A 613 -7.72 -16.59 25.66
C ASN A 613 -8.82 -16.09 24.75
N ASP A 614 -8.65 -14.96 24.11
CA ASP A 614 -9.71 -14.48 23.23
C ASP A 614 -9.66 -15.15 21.85
N PRO A 615 -10.73 -15.86 21.55
CA PRO A 615 -10.91 -16.56 20.32
C PRO A 615 -10.81 -15.60 19.13
N ASN A 616 -11.06 -14.31 19.34
CA ASN A 616 -11.00 -13.27 18.32
C ASN A 616 -9.57 -13.05 17.92
N ILE A 617 -8.69 -13.33 18.87
CA ILE A 617 -7.28 -13.18 18.65
C ILE A 617 -6.51 -14.50 18.59
N ALA A 618 -6.79 -15.40 19.55
CA ALA A 618 -6.14 -16.70 19.75
C ALA A 618 -6.54 -17.92 18.90
N SER A 619 -7.79 -17.96 18.42
CA SER A 619 -8.43 -19.03 17.62
C SER A 619 -8.04 -19.05 16.16
N ARG A 620 -7.90 -20.26 15.65
CA ARG A 620 -7.51 -20.50 14.29
C ARG A 620 -8.71 -21.10 13.64
N ALA A 621 -9.02 -20.68 12.43
CA ALA A 621 -10.18 -21.28 11.80
C ALA A 621 -9.78 -22.61 11.19
N LYS A 622 -10.75 -23.54 11.07
CA LYS A 622 -10.52 -24.87 10.53
C LYS A 622 -11.12 -25.12 9.14
N LYS A 623 -10.30 -25.77 8.31
CA LYS A 623 -10.70 -26.12 6.96
C LYS A 623 -10.69 -27.64 6.94
N GLY A 624 -11.86 -28.21 7.22
CA GLY A 624 -11.93 -29.65 7.28
C GLY A 624 -11.04 -30.17 8.42
N ALA A 625 -10.19 -31.15 8.12
CA ALA A 625 -9.27 -31.78 9.08
C ALA A 625 -8.07 -30.93 9.47
N ASN A 626 -8.03 -29.70 8.96
CA ASN A 626 -6.90 -28.86 9.26
C ASN A 626 -7.30 -27.45 9.52
N PHE A 627 -6.36 -26.76 10.13
CA PHE A 627 -6.70 -25.39 10.33
C PHE A 627 -6.39 -24.72 9.01
N ILE A 628 -7.03 -23.56 8.79
CA ILE A 628 -6.85 -22.75 7.61
C ILE A 628 -5.37 -22.29 7.45
N THR A 629 -4.85 -22.30 6.22
CA THR A 629 -3.50 -21.85 6.04
C THR A 629 -3.49 -20.33 5.91
N VAL A 630 -2.28 -19.82 5.95
CA VAL A 630 -2.12 -18.38 5.83
C VAL A 630 -2.57 -17.94 4.46
N ALA A 631 -2.08 -18.67 3.46
CA ALA A 631 -2.45 -18.38 2.06
C ALA A 631 -3.94 -18.32 1.85
N ALA A 632 -4.62 -19.36 2.28
CA ALA A 632 -6.05 -19.39 2.05
C ALA A 632 -6.74 -18.32 2.83
N GLN A 633 -6.16 -18.12 3.97
CA GLN A 633 -6.83 -17.15 4.77
C GLN A 633 -6.72 -15.74 4.18
N TYR A 634 -5.52 -15.42 3.77
CA TYR A 634 -5.31 -14.10 3.22
C TYR A 634 -6.00 -13.93 1.89
N LYS A 635 -5.93 -14.98 1.08
CA LYS A 635 -6.58 -14.94 -0.21
C LYS A 635 -8.04 -14.57 0.02
N GLU A 636 -8.56 -15.13 1.07
CA GLU A 636 -9.93 -14.83 1.41
C GLU A 636 -10.09 -13.40 1.90
N GLN A 637 -9.23 -12.91 2.78
CA GLN A 637 -9.38 -11.53 3.25
C GLN A 637 -9.38 -10.50 2.11
N LEU A 638 -8.46 -10.76 1.22
CA LEU A 638 -8.27 -9.98 0.05
C LEU A 638 -9.48 -10.02 -0.86
N ALA A 639 -10.02 -11.20 -1.06
CA ALA A 639 -11.17 -11.30 -1.94
C ALA A 639 -12.31 -10.54 -1.30
N SER A 640 -12.37 -10.62 -0.01
CA SER A 640 -13.43 -9.90 0.62
C SER A 640 -13.25 -8.37 0.51
N LEU A 641 -12.00 -7.96 0.57
CA LEU A 641 -11.70 -6.53 0.47
C LEU A 641 -12.18 -6.00 -0.87
N MET A 642 -11.73 -6.74 -1.89
CA MET A 642 -12.10 -6.40 -3.24
C MET A 642 -13.59 -6.33 -3.48
N ALA A 643 -14.32 -7.22 -2.85
CA ALA A 643 -15.78 -7.23 -3.01
C ALA A 643 -16.39 -5.95 -2.40
N THR A 644 -15.76 -5.57 -1.28
CA THR A 644 -16.22 -4.37 -0.64
C THR A 644 -15.95 -3.15 -1.48
N LEU A 645 -14.79 -3.17 -2.12
CA LEU A 645 -14.39 -2.04 -2.93
C LEU A 645 -15.31 -1.93 -4.08
N GLU A 646 -15.69 -3.07 -4.58
CA GLU A 646 -16.58 -3.10 -5.71
C GLU A 646 -17.94 -2.46 -5.43
N THR A 647 -18.28 -2.32 -4.16
CA THR A 647 -19.52 -1.68 -3.76
C THR A 647 -19.35 -0.16 -3.55
N THR A 648 -18.14 0.37 -3.80
CA THR A 648 -17.88 1.79 -3.63
C THR A 648 -17.58 2.47 -4.94
N ASN A 649 -17.57 3.81 -4.87
CA ASN A 649 -17.20 4.60 -6.04
C ASN A 649 -15.71 4.86 -5.79
N PRO A 650 -14.79 4.27 -6.61
CA PRO A 650 -13.38 4.39 -6.34
C PRO A 650 -12.64 5.57 -6.92
N HIS A 651 -11.67 6.08 -6.18
CA HIS A 651 -10.85 7.20 -6.62
C HIS A 651 -9.43 6.75 -6.48
N PHE A 652 -8.69 6.86 -7.55
CA PHE A 652 -7.32 6.44 -7.54
C PHE A 652 -6.29 7.59 -7.43
N VAL A 653 -5.30 7.30 -6.63
CA VAL A 653 -4.14 8.11 -6.37
C VAL A 653 -2.95 7.23 -6.70
N ARG A 654 -2.25 7.60 -7.78
CA ARG A 654 -1.09 6.81 -8.11
C ARG A 654 0.17 7.45 -7.57
N CYS A 655 0.70 6.89 -6.48
CA CYS A 655 1.94 7.40 -5.91
C CYS A 655 3.14 6.93 -6.73
N ILE A 656 4.07 7.85 -7.02
CA ILE A 656 5.26 7.58 -7.83
C ILE A 656 6.53 7.93 -7.13
N ILE A 657 7.42 6.94 -7.07
CA ILE A 657 8.68 7.10 -6.41
C ILE A 657 9.63 7.71 -7.44
N PRO A 658 10.38 8.80 -7.06
CA PRO A 658 11.27 9.51 -8.01
C PRO A 658 12.57 8.82 -8.34
N ASN A 659 13.06 8.01 -7.40
CA ASN A 659 14.32 7.30 -7.55
C ASN A 659 14.30 6.22 -6.46
N ASN A 660 15.38 5.48 -6.36
CA ASN A 660 15.45 4.42 -5.37
C ASN A 660 16.39 4.79 -4.26
N LYS A 661 16.62 6.10 -3.99
CA LYS A 661 17.54 6.52 -2.91
C LYS A 661 16.89 7.32 -1.80
N GLN A 662 15.59 7.52 -1.92
CA GLN A 662 14.94 8.25 -0.89
C GLN A 662 15.48 9.67 -0.77
N LEU A 663 15.83 10.25 -1.95
CA LEU A 663 16.36 11.59 -2.17
C LEU A 663 15.38 12.55 -2.85
N PRO A 664 15.41 13.79 -2.36
CA PRO A 664 14.56 14.83 -2.91
C PRO A 664 15.29 15.36 -4.15
N ALA A 665 14.52 16.06 -4.99
CA ALA A 665 15.11 16.67 -6.17
C ALA A 665 15.94 15.74 -6.99
N LYS A 666 15.42 14.54 -7.19
CA LYS A 666 16.24 13.66 -7.99
C LYS A 666 15.35 12.75 -8.77
N LEU A 667 14.62 13.34 -9.65
CA LEU A 667 13.70 12.62 -10.50
C LEU A 667 14.42 11.74 -11.52
N GLU A 668 14.39 10.39 -11.44
CA GLU A 668 15.03 9.48 -12.39
C GLU A 668 14.07 9.03 -13.45
N ASP A 669 14.37 9.32 -14.68
CA ASP A 669 13.47 8.99 -15.73
C ASP A 669 13.11 7.50 -15.86
N LYS A 670 14.09 6.57 -15.81
CA LYS A 670 13.79 5.14 -15.93
C LYS A 670 12.90 4.66 -14.80
N VAL A 671 13.24 5.15 -13.60
CA VAL A 671 12.51 4.86 -12.39
C VAL A 671 11.08 5.28 -12.55
N VAL A 672 10.88 6.55 -12.91
CA VAL A 672 9.54 7.07 -13.06
C VAL A 672 8.74 6.45 -14.19
N LEU A 673 9.41 6.29 -15.35
CA LEU A 673 8.81 5.73 -16.54
C LEU A 673 8.32 4.28 -16.34
N ASP A 674 9.12 3.47 -15.65
CA ASP A 674 8.67 2.11 -15.39
C ASP A 674 7.33 2.15 -14.63
N GLN A 675 7.24 3.06 -13.66
CA GLN A 675 6.02 3.15 -12.91
C GLN A 675 4.88 3.63 -13.72
N LEU A 676 5.12 4.66 -14.53
CA LEU A 676 4.02 5.16 -15.34
C LEU A 676 3.50 4.06 -16.29
N ARG A 677 4.47 3.35 -16.86
CA ARG A 677 4.14 2.28 -17.78
C ARG A 677 3.30 1.22 -17.11
N CYS A 678 3.89 0.63 -16.09
CA CYS A 678 3.21 -0.46 -15.39
C CYS A 678 1.94 -0.04 -14.68
N ASN A 679 1.78 1.23 -14.27
CA ASN A 679 0.56 1.63 -13.61
C ASN A 679 -0.56 1.87 -14.63
N GLY A 680 -0.23 1.97 -15.92
CA GLY A 680 -1.31 2.25 -16.88
C GLY A 680 -1.81 3.71 -16.90
N VAL A 681 -0.89 4.61 -16.50
CA VAL A 681 -1.12 6.08 -16.45
C VAL A 681 -1.51 6.67 -17.83
N LEU A 682 -0.67 6.42 -18.86
CA LEU A 682 -0.99 6.92 -20.20
C LEU A 682 -2.26 6.33 -20.74
N GLU A 683 -2.43 5.05 -20.56
CA GLU A 683 -3.63 4.43 -21.08
C GLU A 683 -4.74 5.04 -20.32
N GLY A 684 -4.45 5.28 -19.07
CA GLY A 684 -5.58 5.85 -18.36
C GLY A 684 -5.95 7.28 -18.86
N ILE A 685 -4.94 8.01 -19.32
CA ILE A 685 -5.17 9.36 -19.84
C ILE A 685 -5.87 9.17 -21.17
N ARG A 686 -5.34 8.28 -22.00
CA ARG A 686 -6.02 8.09 -23.28
C ARG A 686 -7.48 7.79 -23.18
N ILE A 687 -7.88 6.93 -22.23
CA ILE A 687 -9.30 6.60 -22.03
C ILE A 687 -10.14 7.83 -21.65
N THR A 688 -9.62 8.63 -20.73
CA THR A 688 -10.30 9.82 -20.25
C THR A 688 -10.54 10.73 -21.46
N ARG A 689 -9.56 10.81 -22.34
CA ARG A 689 -9.62 11.63 -23.52
C ARG A 689 -10.62 11.18 -24.54
N LYS A 690 -10.33 10.01 -25.07
CA LYS A 690 -11.10 9.35 -26.08
C LYS A 690 -12.58 9.06 -25.81
N GLY A 691 -12.87 8.76 -24.56
CA GLY A 691 -14.23 8.43 -24.19
C GLY A 691 -15.07 9.57 -23.65
N PHE A 692 -16.12 9.16 -22.92
CA PHE A 692 -17.19 9.95 -22.27
C PHE A 692 -17.46 9.62 -20.82
N PRO A 693 -16.75 10.37 -19.96
CA PRO A 693 -16.81 10.26 -18.50
C PRO A 693 -18.21 10.33 -17.91
N ASN A 694 -18.91 11.42 -18.17
CA ASN A 694 -20.23 11.61 -17.60
C ASN A 694 -21.47 11.08 -18.31
N ARG A 695 -22.31 10.37 -17.59
CA ARG A 695 -23.52 9.83 -18.18
C ARG A 695 -24.76 9.79 -17.27
N ILE A 696 -25.94 10.15 -17.81
CA ILE A 696 -27.24 10.24 -17.10
C ILE A 696 -28.47 9.68 -17.81
N ILE A 697 -29.21 8.84 -17.10
CA ILE A 697 -30.41 8.27 -17.68
C ILE A 697 -31.41 9.38 -17.96
N TYR A 698 -31.84 9.40 -19.22
CA TYR A 698 -32.76 10.35 -19.80
C TYR A 698 -33.78 10.99 -18.86
N ALA A 699 -34.50 10.10 -18.15
CA ALA A 699 -35.54 10.43 -17.18
C ALA A 699 -35.04 11.18 -15.94
N ASP A 700 -33.86 10.81 -15.44
CA ASP A 700 -33.27 11.44 -14.29
C ASP A 700 -32.67 12.74 -14.75
N PHE A 701 -32.48 12.82 -16.06
CA PHE A 701 -31.94 13.97 -16.75
C PHE A 701 -33.09 14.97 -16.94
N VAL A 702 -34.24 14.47 -17.42
CA VAL A 702 -35.44 15.28 -17.65
C VAL A 702 -36.02 15.76 -16.33
N LYS A 703 -36.26 14.79 -15.45
CA LYS A 703 -36.80 15.01 -14.12
C LYS A 703 -35.95 16.05 -13.43
N ARG A 704 -34.64 15.79 -13.40
CA ARG A 704 -33.67 16.70 -12.78
C ARG A 704 -33.78 18.15 -13.31
N TYR A 705 -33.70 18.31 -14.62
CA TYR A 705 -33.78 19.65 -15.15
C TYR A 705 -34.47 19.72 -16.50
N TYR A 706 -35.77 20.11 -16.47
CA TYR A 706 -36.74 20.32 -17.55
C TYR A 706 -36.99 21.83 -17.69
N LEU A 707 -36.22 22.52 -16.83
CA LEU A 707 -36.10 23.95 -16.55
C LEU A 707 -35.28 24.76 -17.57
N LEU A 708 -34.26 24.10 -18.15
CA LEU A 708 -33.46 24.77 -19.15
C LEU A 708 -34.32 24.81 -20.42
N ALA A 709 -35.34 23.94 -20.37
CA ALA A 709 -36.35 23.72 -21.39
C ALA A 709 -37.47 24.77 -21.45
N PRO A 710 -38.23 24.75 -22.56
CA PRO A 710 -39.36 25.66 -22.76
C PRO A 710 -40.45 25.24 -21.79
N VAL A 712 -40.46 21.49 -22.35
CA VAL A 712 -40.13 20.21 -21.75
C VAL A 712 -40.74 20.06 -20.38
N PRO A 713 -41.37 18.90 -20.19
CA PRO A 713 -41.99 18.58 -18.94
C PRO A 713 -40.95 17.95 -18.02
N ARG A 714 -41.36 17.63 -16.79
CA ARG A 714 -40.50 16.99 -15.82
C ARG A 714 -40.79 15.47 -15.93
N ASP A 715 -42.08 15.21 -16.28
CA ASP A 715 -42.75 13.92 -16.51
C ASP A 715 -42.47 13.40 -17.93
N GLN A 720 -37.62 12.39 -22.67
CA GLN A 720 -36.49 11.47 -22.75
C GLN A 720 -35.85 11.57 -24.13
N LYS A 721 -36.70 11.29 -25.09
CA LYS A 721 -36.33 11.35 -26.48
C LYS A 721 -36.05 12.83 -26.79
N ALA A 722 -37.02 13.64 -26.39
CA ALA A 722 -37.01 15.09 -26.54
C ALA A 722 -35.64 15.66 -26.20
N THR A 723 -35.15 15.11 -25.09
CA THR A 723 -33.87 15.39 -24.48
C THR A 723 -32.81 15.57 -25.55
N ASN A 731 -27.73 24.07 -29.71
CA ASN A 731 -27.94 24.45 -28.30
C ASN A 731 -26.70 24.34 -27.41
N ILE A 732 -26.32 23.09 -27.10
CA ILE A 732 -25.18 22.80 -26.24
C ILE A 732 -23.98 22.17 -26.93
N ASP A 733 -24.08 21.93 -28.25
CA ASP A 733 -22.99 21.34 -29.05
C ASP A 733 -22.92 19.81 -28.98
N PRO A 734 -23.01 19.15 -30.13
CA PRO A 734 -23.02 17.69 -30.28
C PRO A 734 -21.69 16.96 -30.40
N GLU A 735 -20.65 17.76 -30.26
CA GLU A 735 -19.33 17.21 -30.39
C GLU A 735 -18.92 16.41 -29.16
N GLN A 736 -19.27 16.99 -28.01
CA GLN A 736 -19.03 16.53 -26.66
C GLN A 736 -20.11 15.68 -26.02
N TYR A 737 -21.02 15.17 -26.85
CA TYR A 737 -22.10 14.32 -26.36
C TYR A 737 -22.40 13.14 -27.27
N ARG A 738 -22.97 12.07 -26.68
CA ARG A 738 -23.39 10.85 -27.37
C ARG A 738 -24.71 10.32 -26.86
N PHE A 739 -25.44 9.69 -27.76
CA PHE A 739 -26.73 9.19 -27.37
C PHE A 739 -26.79 7.72 -27.09
N GLY A 740 -26.94 7.41 -25.82
CA GLY A 740 -27.00 6.02 -25.51
C GLY A 740 -28.41 5.51 -25.45
N ILE A 741 -28.48 4.20 -25.34
CA ILE A 741 -29.70 3.43 -25.23
C ILE A 741 -30.49 3.62 -23.90
N THR A 742 -30.01 4.34 -22.88
CA THR A 742 -30.77 4.48 -21.63
C THR A 742 -30.39 5.77 -21.02
N LYS A 743 -29.22 6.21 -21.46
CA LYS A 743 -28.68 7.46 -20.99
C LYS A 743 -27.95 8.22 -22.07
N ILE A 744 -27.75 9.48 -21.79
CA ILE A 744 -27.04 10.23 -22.77
C ILE A 744 -25.69 10.39 -22.13
N PHE A 745 -24.67 10.49 -22.93
CA PHE A 745 -23.35 10.63 -22.40
C PHE A 745 -22.78 12.00 -22.70
N PHE A 746 -21.85 12.45 -21.88
CA PHE A 746 -21.22 13.74 -22.08
C PHE A 746 -19.74 13.68 -21.70
N ARG A 747 -18.92 14.64 -22.13
CA ARG A 747 -17.50 14.74 -21.80
C ARG A 747 -17.39 15.67 -20.58
MG MG B . 3.19 2.75 3.87
V VO4 C . 5.41 0.99 1.99
O1 VO4 C . 4.51 1.56 3.27
O2 VO4 C . 7.04 0.81 1.99
O3 VO4 C . 4.90 0.49 0.48
O4 VO4 C . 5.41 -1.18 2.65
PB ADP D . 4.73 4.01 1.13
O1B ADP D . 3.67 4.05 2.17
O2B ADP D . 4.15 4.18 -0.24
O3B ADP D . 5.70 2.91 1.22
PA ADP D . 5.48 6.50 2.50
O1A ADP D . 4.16 7.11 2.41
O2A ADP D . 5.78 5.98 3.89
O3A ADP D . 5.64 5.34 1.41
O5' ADP D . 6.62 7.56 2.09
C5' ADP D . 7.99 7.21 2.27
C4' ADP D . 8.68 8.51 2.70
O4' ADP D . 8.58 9.46 1.58
C3' ADP D . 7.95 9.18 3.86
O3' ADP D . 8.39 8.65 5.12
C2' ADP D . 8.43 10.63 3.62
O2' ADP D . 9.83 10.74 4.05
C1' ADP D . 8.39 10.73 2.11
N9 ADP D . 7.13 11.25 1.62
C8 ADP D . 6.17 10.63 0.90
N7 ADP D . 5.19 11.45 0.48
C5 ADP D . 5.58 12.66 1.02
C6 ADP D . 5.00 13.94 0.95
N6 ADP D . 3.86 14.23 0.31
N1 ADP D . 5.62 14.93 1.66
C2 ADP D . 6.79 14.68 2.32
N3 ADP D . 7.43 13.55 2.41
C4 ADP D . 6.74 12.56 1.77
#